data_6A3F
#
_entry.id   6A3F
#
_cell.length_a   95.649
_cell.length_b   95.649
_cell.length_c   170.912
_cell.angle_alpha   90.00
_cell.angle_beta   90.00
_cell.angle_gamma   90.00
#
_symmetry.space_group_name_H-M   'P 43 21 2'
#
loop_
_entity.id
_entity.type
_entity.pdbx_description
1 polymer 'Putative dehydrogenase'
2 non-polymer 'SULFATE ION'
3 water water
#
_entity_poly.entity_id   1
_entity_poly.type   'polypeptide(L)'
_entity_poly.pdbx_seq_one_letter_code
;MGSSHHHHHHSSGLVPRGSHMQNLNVGLIGGGFMGKAHSLAYAAMPMFFWPAPALPVRKVIAEANPELAAEAARRFGFEN
STSDWRSIIDDPDIHVVDIATPNHLHAEIAIAAAEAGKHIICEKPLARTGEESKAMYDAVKDKNIVHMVAFNYRRTPAVA
LAKKYIEEGAIGRILSFRGTYLQDWSADPNSPLSWRFQKSIAGSGALGDIATHVIDMARYLVGEFSAVNAVLSTWIPERP
LQSGGADALGTVRGGEGPKGPVDVDDEVMTMIRFANGAVGSVEATRNAHGRNNYITFEIHGTEGSIVFNYERRDELQVAF
ASDQADRRGFRTVYTGPAHPYGEGLWPIPALGIGYGETKIIEAHDFFKAIAEGGSVSPSFADGYQVALIDDAIVESAAKE
SWVDVPQISA
;
_entity_poly.pdbx_strand_id   A,B
#
loop_
_chem_comp.id
_chem_comp.type
_chem_comp.name
_chem_comp.formula
SO4 non-polymer 'SULFATE ION' 'O4 S -2'
#
# COMPACT_ATOMS: atom_id res chain seq x y z
N MET A 21 4.67 26.96 4.75
CA MET A 21 5.01 26.15 3.53
C MET A 21 4.12 26.64 2.36
N GLN A 22 4.65 26.51 1.15
CA GLN A 22 4.03 27.10 -0.01
C GLN A 22 3.03 26.13 -0.64
N ASN A 23 1.93 26.67 -1.16
CA ASN A 23 0.98 25.89 -1.97
C ASN A 23 1.52 25.76 -3.39
N LEU A 24 1.59 24.53 -3.90
CA LEU A 24 1.99 24.34 -5.28
C LEU A 24 0.84 23.68 -6.01
N ASN A 25 0.36 24.40 -7.04
CA ASN A 25 -0.85 24.02 -7.78
C ASN A 25 -0.46 23.02 -8.87
N VAL A 26 -1.14 21.89 -8.86
CA VAL A 26 -0.90 20.84 -9.81
C VAL A 26 -2.04 20.77 -10.83
N GLY A 27 -1.64 20.69 -12.09
CA GLY A 27 -2.49 20.31 -13.18
C GLY A 27 -2.14 18.90 -13.66
N LEU A 28 -3.10 18.00 -13.57
CA LEU A 28 -2.93 16.60 -13.96
C LEU A 28 -3.55 16.43 -15.36
N ILE A 29 -2.82 15.81 -16.29
CA ILE A 29 -3.34 15.56 -17.64
C ILE A 29 -3.44 14.05 -17.89
N GLY A 30 -4.64 13.60 -18.15
CA GLY A 30 -4.89 12.20 -18.51
C GLY A 30 -4.73 11.25 -17.35
N GLY A 31 -4.44 10.00 -17.67
CA GLY A 31 -4.14 8.98 -16.65
C GLY A 31 -5.18 7.90 -16.53
N GLY A 32 -6.39 8.10 -17.06
CA GLY A 32 -7.48 7.14 -16.85
C GLY A 32 -7.82 7.00 -15.37
N PHE A 33 -8.41 5.88 -14.95
CA PHE A 33 -8.81 5.77 -13.54
C PHE A 33 -7.56 5.78 -12.64
N MET A 34 -6.38 5.40 -13.18
CA MET A 34 -5.16 5.39 -12.36
C MET A 34 -4.69 6.82 -12.06
N GLY A 35 -5.40 7.83 -12.58
CA GLY A 35 -5.36 9.17 -12.00
C GLY A 35 -5.47 9.15 -10.48
N LYS A 36 -6.19 8.18 -9.95
CA LYS A 36 -6.33 8.05 -8.49
C LYS A 36 -4.97 7.88 -7.80
N ALA A 37 -3.97 7.28 -8.46
CA ALA A 37 -2.71 7.06 -7.81
C ALA A 37 -1.97 8.38 -7.71
N HIS A 38 -2.24 9.28 -8.66
CA HIS A 38 -1.61 10.61 -8.62
C HIS A 38 -2.28 11.48 -7.56
N SER A 39 -3.60 11.49 -7.59
CA SER A 39 -4.43 12.25 -6.66
C SER A 39 -4.13 11.85 -5.22
N LEU A 40 -4.08 10.54 -5.00
CA LEU A 40 -3.70 9.99 -3.68
C LEU A 40 -2.34 10.56 -3.25
N ALA A 41 -1.34 10.51 -4.10
CA ALA A 41 -0.02 10.99 -3.75
C ALA A 41 -0.02 12.48 -3.38
N TYR A 42 -0.69 13.32 -4.16
CA TYR A 42 -0.76 14.75 -3.83
C TYR A 42 -1.56 15.02 -2.56
N ALA A 43 -2.66 14.27 -2.31
CA ALA A 43 -3.44 14.48 -1.08
C ALA A 43 -2.70 13.95 0.16
N ALA A 44 -1.98 12.81 0.03
CA ALA A 44 -1.45 12.11 1.19
C ALA A 44 -0.01 12.49 1.49
N MET A 45 0.76 13.02 0.50
CA MET A 45 2.19 13.15 0.70
C MET A 45 2.51 13.95 1.98
N PRO A 46 1.88 15.10 2.20
CA PRO A 46 2.11 15.84 3.46
C PRO A 46 1.64 15.10 4.73
N MET A 47 0.65 14.23 4.62
CA MET A 47 0.20 13.44 5.78
C MET A 47 1.34 12.51 6.22
N PHE A 48 2.10 12.03 5.24
CA PHE A 48 3.10 11.04 5.48
C PHE A 48 4.43 11.70 5.87
N PHE A 49 4.84 12.70 5.09
CA PHE A 49 6.12 13.36 5.28
C PHE A 49 5.87 14.76 5.83
N TRP A 50 6.14 14.95 7.12
CA TRP A 50 5.74 16.15 7.85
C TRP A 50 6.87 16.56 8.80
N PRO A 51 7.31 17.82 8.80
CA PRO A 51 6.75 18.87 7.97
C PRO A 51 7.07 18.61 6.50
N ALA A 52 6.18 19.03 5.64
CA ALA A 52 6.26 18.68 4.25
C ALA A 52 7.05 19.76 3.53
N PRO A 53 7.72 19.38 2.43
CA PRO A 53 8.46 20.36 1.66
C PRO A 53 7.57 21.49 1.13
N ALA A 54 6.37 21.15 0.73
CA ALA A 54 5.40 22.09 0.19
C ALA A 54 4.04 21.40 0.24
N LEU A 55 2.96 22.15 -0.01
CA LEU A 55 1.63 21.59 -0.04
C LEU A 55 1.13 21.48 -1.49
N PRO A 56 1.01 20.26 -1.99
CA PRO A 56 0.38 20.04 -3.26
C PRO A 56 -1.10 20.42 -3.21
N VAL A 57 -1.58 21.09 -4.27
CA VAL A 57 -2.99 21.38 -4.42
C VAL A 57 -3.50 20.73 -5.71
N ARG A 58 -4.56 19.94 -5.60
CA ARG A 58 -5.16 19.38 -6.78
C ARG A 58 -5.96 20.48 -7.49
N LYS A 59 -5.28 21.25 -8.34
CA LYS A 59 -5.87 22.51 -8.86
C LYS A 59 -6.76 22.23 -10.08
N VAL A 60 -6.26 21.50 -11.06
CA VAL A 60 -7.01 21.28 -12.30
C VAL A 60 -6.61 19.95 -12.92
N ILE A 61 -7.58 19.32 -13.57
CA ILE A 61 -7.41 18.06 -14.31
C ILE A 61 -8.03 18.16 -15.71
N ALA A 62 -7.36 17.54 -16.68
CA ALA A 62 -7.74 17.50 -18.10
C ALA A 62 -8.02 16.05 -18.50
N GLU A 63 -9.19 15.83 -19.12
CA GLU A 63 -9.60 14.58 -19.72
C GLU A 63 -10.13 14.88 -21.12
N ALA A 64 -10.69 13.87 -21.79
CA ALA A 64 -10.92 13.93 -23.25
C ALA A 64 -12.06 14.91 -23.59
N ASN A 65 -13.00 15.10 -22.67
CA ASN A 65 -14.11 15.99 -22.94
C ASN A 65 -14.59 16.65 -21.64
N PRO A 66 -15.26 17.81 -21.76
CA PRO A 66 -15.64 18.63 -20.61
C PRO A 66 -16.32 17.86 -19.46
N GLU A 67 -17.21 16.94 -19.82
CA GLU A 67 -18.09 16.20 -18.92
C GLU A 67 -17.29 15.14 -18.15
N LEU A 68 -16.52 14.34 -18.90
CA LEU A 68 -15.62 13.33 -18.31
C LEU A 68 -14.62 14.04 -17.39
N ALA A 69 -14.10 15.17 -17.82
CA ALA A 69 -13.13 15.92 -17.03
C ALA A 69 -13.77 16.44 -15.74
N ALA A 70 -15.01 16.94 -15.82
CA ALA A 70 -15.68 17.43 -14.61
C ALA A 70 -15.95 16.27 -13.63
N GLU A 71 -16.29 15.11 -14.17
CA GLU A 71 -16.56 13.87 -13.40
C GLU A 71 -15.26 13.43 -12.70
N ALA A 72 -14.14 13.43 -13.45
CA ALA A 72 -12.83 13.10 -12.86
C ALA A 72 -12.45 14.10 -11.77
N ALA A 73 -12.78 15.36 -11.95
CA ALA A 73 -12.44 16.34 -10.95
C ALA A 73 -13.17 16.05 -9.63
N ARG A 74 -14.42 15.62 -9.73
CA ARG A 74 -15.24 15.28 -8.56
C ARG A 74 -14.65 14.03 -7.88
N ARG A 75 -14.34 13.02 -8.69
CA ARG A 75 -13.84 11.72 -8.19
C ARG A 75 -12.48 11.92 -7.48
N PHE A 76 -11.57 12.63 -8.15
CA PHE A 76 -10.20 12.69 -7.67
C PHE A 76 -10.02 13.90 -6.75
N GLY A 77 -11.04 14.74 -6.65
CA GLY A 77 -10.99 15.91 -5.75
C GLY A 77 -10.17 17.07 -6.28
N PHE A 78 -10.26 17.38 -7.59
CA PHE A 78 -9.61 18.58 -8.13
C PHE A 78 -10.58 19.77 -8.16
N GLU A 79 -10.10 20.99 -7.98
CA GLU A 79 -10.99 22.17 -7.93
C GLU A 79 -11.55 22.51 -9.32
N ASN A 80 -10.77 22.38 -10.38
CA ASN A 80 -11.21 22.79 -11.75
C ASN A 80 -11.04 21.62 -12.74
N SER A 81 -11.72 21.70 -13.88
CA SER A 81 -11.60 20.67 -14.90
C SER A 81 -11.54 21.34 -16.28
N THR A 82 -11.01 20.67 -17.28
CA THR A 82 -10.84 21.20 -18.63
C THR A 82 -10.71 20.04 -19.61
N SER A 83 -11.04 20.28 -20.88
CA SER A 83 -10.77 19.30 -21.90
C SER A 83 -9.65 19.81 -22.80
N ASP A 84 -9.06 20.95 -22.46
CA ASP A 84 -7.96 21.48 -23.24
C ASP A 84 -6.74 21.65 -22.35
N TRP A 85 -5.80 20.72 -22.50
CA TRP A 85 -4.64 20.72 -21.67
C TRP A 85 -3.79 21.97 -21.87
N ARG A 86 -3.83 22.59 -23.07
CA ARG A 86 -3.11 23.86 -23.27
C ARG A 86 -3.60 24.92 -22.28
N SER A 87 -4.87 24.86 -21.85
CA SER A 87 -5.36 25.87 -20.88
C SER A 87 -4.58 25.77 -19.57
N ILE A 88 -4.07 24.56 -19.22
CA ILE A 88 -3.29 24.39 -17.95
C ILE A 88 -1.90 24.98 -18.16
N ILE A 89 -1.29 24.71 -19.32
CA ILE A 89 0.03 25.22 -19.58
C ILE A 89 0.01 26.75 -19.55
N ASP A 90 -1.03 27.33 -20.14
CA ASP A 90 -1.11 28.79 -20.24
C ASP A 90 -1.57 29.48 -18.95
N ASP A 91 -2.01 28.72 -17.94
CA ASP A 91 -2.49 29.27 -16.66
C ASP A 91 -1.32 29.59 -15.71
N PRO A 92 -1.05 30.88 -15.47
CA PRO A 92 0.17 31.28 -14.71
C PRO A 92 0.11 30.84 -13.23
N ASP A 93 -1.05 30.44 -12.76
CA ASP A 93 -1.21 30.01 -11.39
C ASP A 93 -0.96 28.49 -11.19
N ILE A 94 -0.64 27.77 -12.28
CA ILE A 94 -0.31 26.33 -12.22
C ILE A 94 1.21 26.21 -12.11
N HIS A 95 1.71 25.53 -11.07
CA HIS A 95 3.14 25.43 -10.82
C HIS A 95 3.72 24.11 -11.35
N VAL A 96 2.87 23.09 -11.40
CA VAL A 96 3.30 21.74 -11.66
C VAL A 96 2.40 21.10 -12.71
N VAL A 97 3.02 20.51 -13.73
CA VAL A 97 2.30 19.72 -14.66
C VAL A 97 2.68 18.23 -14.51
N ASP A 98 1.65 17.44 -14.35
CA ASP A 98 1.75 16.01 -14.28
C ASP A 98 1.14 15.38 -15.52
N ILE A 99 2.01 14.80 -16.34
CA ILE A 99 1.65 14.20 -17.63
C ILE A 99 1.46 12.70 -17.47
N ALA A 100 0.23 12.22 -17.58
CA ALA A 100 -0.11 10.84 -17.34
C ALA A 100 -0.78 10.24 -18.57
N THR A 101 -0.51 10.86 -19.72
CA THR A 101 -1.04 10.39 -20.97
C THR A 101 -0.20 9.23 -21.56
N PRO A 102 -0.71 8.60 -22.62
CA PRO A 102 0.12 7.65 -23.36
C PRO A 102 1.33 8.31 -24.04
N ASN A 103 2.23 7.46 -24.56
CA ASN A 103 3.60 7.84 -24.91
C ASN A 103 3.66 8.93 -26.01
N HIS A 104 2.66 8.92 -26.88
CA HIS A 104 2.64 9.79 -28.05
C HIS A 104 2.34 11.25 -27.67
N LEU A 105 1.85 11.52 -26.48
CA LEU A 105 1.58 12.95 -26.15
C LEU A 105 2.59 13.54 -25.16
N HIS A 106 3.54 12.75 -24.66
CA HIS A 106 4.41 13.29 -23.59
C HIS A 106 5.25 14.47 -24.08
N ALA A 107 5.73 14.41 -25.33
CA ALA A 107 6.77 15.37 -25.77
C ALA A 107 6.17 16.78 -25.96
N GLU A 108 5.06 16.84 -26.66
CA GLU A 108 4.44 18.12 -26.99
C GLU A 108 4.02 18.85 -25.70
N ILE A 109 3.39 18.10 -24.81
CA ILE A 109 2.91 18.69 -23.56
C ILE A 109 4.10 19.15 -22.70
N ALA A 110 5.11 18.28 -22.57
CA ALA A 110 6.24 18.58 -21.74
C ALA A 110 6.98 19.82 -22.26
N ILE A 111 7.22 19.85 -23.56
CA ILE A 111 7.95 20.99 -24.16
C ILE A 111 7.17 22.30 -23.90
N ALA A 112 5.86 22.31 -24.12
CA ALA A 112 5.06 23.53 -23.84
C ALA A 112 5.11 23.89 -22.35
N ALA A 113 4.99 22.89 -21.49
CA ALA A 113 5.12 23.09 -20.05
C ALA A 113 6.48 23.70 -19.71
N ALA A 114 7.57 23.22 -20.34
CA ALA A 114 8.90 23.77 -20.04
C ALA A 114 8.97 25.24 -20.49
N GLU A 115 8.48 25.49 -21.68
CA GLU A 115 8.55 26.83 -22.24
C GLU A 115 7.78 27.78 -21.33
N ALA A 116 6.74 27.29 -20.64
CA ALA A 116 5.94 28.13 -19.73
C ALA A 116 6.48 28.13 -18.29
N GLY A 117 7.66 27.53 -18.07
CA GLY A 117 8.33 27.50 -16.78
C GLY A 117 7.62 26.67 -15.72
N LYS A 118 6.93 25.59 -16.09
CA LYS A 118 6.30 24.73 -15.09
C LYS A 118 7.27 23.62 -14.65
N HIS A 119 7.08 23.13 -13.45
CA HIS A 119 7.75 21.88 -13.04
C HIS A 119 6.91 20.72 -13.58
N ILE A 120 7.59 19.63 -13.91
CA ILE A 120 6.97 18.60 -14.70
C ILE A 120 7.32 17.22 -14.14
N ILE A 121 6.30 16.43 -13.89
CA ILE A 121 6.49 14.99 -13.73
C ILE A 121 5.77 14.31 -14.90
N CYS A 122 6.50 13.44 -15.58
CA CYS A 122 6.00 12.78 -16.79
C CYS A 122 6.04 11.26 -16.62
N GLU A 123 5.00 10.60 -17.07
CA GLU A 123 4.99 9.16 -17.18
C GLU A 123 6.16 8.67 -18.06
N LYS A 124 6.56 7.42 -17.82
CA LYS A 124 7.54 6.71 -18.65
C LYS A 124 6.80 5.96 -19.77
N PRO A 125 7.51 5.48 -20.77
CA PRO A 125 8.83 5.92 -21.16
C PRO A 125 8.75 7.41 -21.49
N LEU A 126 9.86 8.11 -21.47
CA LEU A 126 9.78 9.58 -21.54
C LEU A 126 9.07 9.99 -22.86
N ALA A 127 9.35 9.25 -23.91
CA ALA A 127 8.67 9.39 -25.18
C ALA A 127 8.92 8.11 -26.01
N ARG A 128 8.53 8.11 -27.30
CA ARG A 128 8.41 6.86 -28.04
C ARG A 128 9.79 6.36 -28.51
N THR A 129 10.69 7.30 -28.74
CA THR A 129 12.03 7.04 -29.28
C THR A 129 13.03 7.93 -28.54
N GLY A 130 14.31 7.68 -28.79
CA GLY A 130 15.35 8.52 -28.18
C GLY A 130 15.34 9.93 -28.76
N GLU A 131 15.03 10.03 -30.04
CA GLU A 131 14.98 11.31 -30.76
C GLU A 131 13.89 12.19 -30.15
N GLU A 132 12.69 11.63 -29.96
CA GLU A 132 11.59 12.39 -29.40
C GLU A 132 11.93 12.73 -27.94
N SER A 133 12.68 11.83 -27.23
CA SER A 133 12.99 12.05 -25.80
C SER A 133 14.03 13.17 -25.66
N LYS A 134 14.98 13.20 -26.61
CA LYS A 134 16.01 14.21 -26.64
C LYS A 134 15.39 15.62 -26.69
N ALA A 135 14.28 15.75 -27.38
CA ALA A 135 13.63 17.06 -27.53
C ALA A 135 13.10 17.53 -26.16
N MET A 136 12.56 16.58 -25.40
CA MET A 136 12.04 16.91 -24.06
C MET A 136 13.20 17.27 -23.14
N TYR A 137 14.27 16.50 -23.18
CA TYR A 137 15.44 16.78 -22.35
C TYR A 137 15.97 18.18 -22.70
N ASP A 138 16.05 18.48 -23.98
CA ASP A 138 16.60 19.78 -24.42
C ASP A 138 15.73 20.95 -23.94
N ALA A 139 14.43 20.74 -23.89
CA ALA A 139 13.48 21.78 -23.51
C ALA A 139 13.58 22.11 -22.02
N VAL A 140 14.06 21.16 -21.18
CA VAL A 140 14.08 21.41 -19.74
C VAL A 140 15.51 21.61 -19.23
N LYS A 141 16.55 21.17 -19.93
CA LYS A 141 17.83 20.97 -19.20
C LYS A 141 18.44 22.31 -18.75
N ASP A 142 18.09 23.43 -19.36
CA ASP A 142 18.76 24.66 -18.96
C ASP A 142 17.79 25.59 -18.28
N LYS A 143 16.57 25.12 -18.01
CA LYS A 143 15.59 25.96 -17.34
C LYS A 143 15.70 25.71 -15.84
N ASN A 144 15.19 26.64 -15.07
CA ASN A 144 15.21 26.54 -13.61
C ASN A 144 13.93 25.82 -13.16
N ILE A 145 13.78 24.57 -13.58
CA ILE A 145 12.56 23.83 -13.23
C ILE A 145 12.99 22.43 -12.81
N VAL A 146 12.14 21.81 -12.02
CA VAL A 146 12.32 20.41 -11.63
C VAL A 146 11.53 19.55 -12.64
N HIS A 147 12.21 18.53 -13.14
CA HIS A 147 11.65 17.58 -14.09
C HIS A 147 12.02 16.16 -13.60
N MET A 148 11.00 15.31 -13.69
CA MET A 148 11.07 13.94 -13.18
C MET A 148 10.29 12.99 -14.10
N VAL A 149 10.83 11.80 -14.30
CA VAL A 149 10.16 10.74 -15.03
C VAL A 149 9.71 9.67 -14.02
N ALA A 150 8.53 9.12 -14.24
CA ALA A 150 7.84 8.32 -13.19
C ALA A 150 8.30 6.87 -13.15
N PHE A 151 9.59 6.61 -12.97
CA PHE A 151 10.05 5.29 -12.62
C PHE A 151 9.89 5.15 -11.09
N ASN A 152 8.62 4.99 -10.66
CA ASN A 152 8.25 5.08 -9.26
C ASN A 152 8.80 3.88 -8.48
N TYR A 153 9.01 2.76 -9.16
CA TYR A 153 9.32 1.53 -8.43
C TYR A 153 10.71 1.61 -7.80
N ARG A 154 11.59 2.51 -8.27
CA ARG A 154 12.92 2.68 -7.63
C ARG A 154 12.77 3.25 -6.22
N ARG A 155 11.63 3.84 -5.92
CA ARG A 155 11.34 4.42 -4.63
C ARG A 155 10.53 3.45 -3.76
N THR A 156 10.43 2.18 -4.15
CA THR A 156 10.07 1.16 -3.17
C THR A 156 11.16 1.18 -2.07
N PRO A 157 10.76 1.22 -0.78
CA PRO A 157 11.83 1.36 0.25
C PRO A 157 12.91 0.27 0.15
N ALA A 158 12.52 -1.00 -0.09
CA ALA A 158 13.46 -2.08 -0.32
C ALA A 158 14.49 -1.77 -1.41
N VAL A 159 14.11 -1.06 -2.48
CA VAL A 159 15.06 -0.77 -3.54
C VAL A 159 15.99 0.34 -3.05
N ALA A 160 15.46 1.34 -2.37
CA ALA A 160 16.36 2.37 -1.75
C ALA A 160 17.32 1.73 -0.73
N LEU A 161 16.83 0.73 0.01
CA LEU A 161 17.69 -0.04 0.92
C LEU A 161 18.80 -0.76 0.17
N ALA A 162 18.49 -1.42 -0.96
CA ALA A 162 19.48 -2.03 -1.76
C ALA A 162 20.58 -1.01 -2.10
N LYS A 163 20.13 0.19 -2.47
CA LYS A 163 21.06 1.25 -2.86
C LYS A 163 21.96 1.65 -1.67
N LYS A 164 21.36 1.71 -0.48
CA LYS A 164 22.09 2.04 0.73
C LYS A 164 23.21 1.01 0.95
N TYR A 165 22.86 -0.27 0.96
CA TYR A 165 23.85 -1.32 1.16
C TYR A 165 24.97 -1.24 0.10
N ILE A 166 24.60 -1.02 -1.17
CA ILE A 166 25.58 -1.00 -2.24
C ILE A 166 26.52 0.21 -2.01
N GLU A 167 25.98 1.36 -1.71
CA GLU A 167 26.84 2.59 -1.63
C GLU A 167 27.70 2.53 -0.38
N GLU A 168 27.28 1.80 0.64
CA GLU A 168 28.11 1.72 1.86
C GLU A 168 29.23 0.66 1.69
N GLY A 169 29.29 -0.09 0.58
CA GLY A 169 30.34 -1.10 0.45
C GLY A 169 29.92 -2.45 1.01
N ALA A 170 28.68 -2.57 1.48
CA ALA A 170 28.27 -3.78 2.25
C ALA A 170 28.27 -5.06 1.38
N ILE A 171 28.09 -5.00 0.04
CA ILE A 171 28.25 -6.24 -0.80
C ILE A 171 29.48 -6.14 -1.73
N GLY A 172 30.39 -5.20 -1.43
CA GLY A 172 31.61 -5.03 -2.25
C GLY A 172 31.34 -4.43 -3.63
N ARG A 173 32.19 -4.81 -4.57
CA ARG A 173 32.11 -4.36 -5.94
C ARG A 173 31.10 -5.27 -6.64
N ILE A 174 30.24 -4.64 -7.40
CA ILE A 174 29.25 -5.41 -8.18
C ILE A 174 29.91 -6.09 -9.38
N LEU A 175 29.65 -7.36 -9.53
CA LEU A 175 30.11 -8.12 -10.62
C LEU A 175 29.01 -8.30 -11.69
N SER A 176 27.82 -8.64 -11.26
CA SER A 176 26.77 -9.13 -12.15
C SER A 176 25.41 -8.62 -11.70
N PHE A 177 24.55 -8.34 -12.67
CA PHE A 177 23.15 -7.92 -12.41
C PHE A 177 22.20 -8.72 -13.32
N ARG A 178 21.12 -9.24 -12.73
CA ARG A 178 20.00 -9.84 -13.46
C ARG A 178 18.75 -9.06 -13.07
N GLY A 179 17.97 -8.57 -14.05
CA GLY A 179 16.77 -7.85 -13.74
C GLY A 179 15.61 -8.33 -14.61
N THR A 180 14.42 -8.52 -14.04
CA THR A 180 13.30 -9.01 -14.89
C THR A 180 12.05 -8.18 -14.56
N TYR A 181 11.12 -8.13 -15.52
CA TYR A 181 9.79 -7.63 -15.26
C TYR A 181 8.85 -8.57 -16.04
N LEU A 182 8.28 -9.54 -15.35
CA LEU A 182 7.47 -10.55 -16.00
C LEU A 182 5.99 -10.34 -15.63
N GLN A 183 5.15 -10.36 -16.65
CA GLN A 183 3.67 -10.09 -16.53
C GLN A 183 2.94 -11.08 -17.42
N ASP A 184 1.61 -11.13 -17.26
CA ASP A 184 0.79 -12.09 -18.04
C ASP A 184 -0.55 -11.47 -18.48
N TRP A 185 -0.72 -10.18 -18.30
CA TRP A 185 -2.02 -9.51 -18.46
C TRP A 185 -2.49 -9.60 -19.92
N SER A 186 -1.56 -9.69 -20.86
CA SER A 186 -1.92 -9.93 -22.29
C SER A 186 -1.49 -11.33 -22.77
N ALA A 187 -1.32 -12.30 -21.85
CA ALA A 187 -0.85 -13.61 -22.26
C ALA A 187 -1.94 -14.32 -23.07
N ASP A 188 -3.17 -13.94 -22.83
CA ASP A 188 -4.29 -14.45 -23.64
C ASP A 188 -4.38 -13.76 -25.00
N PRO A 189 -4.46 -14.53 -26.10
CA PRO A 189 -4.54 -13.88 -27.43
C PRO A 189 -5.78 -13.00 -27.61
N ASN A 190 -6.78 -13.24 -26.77
CA ASN A 190 -8.05 -12.47 -26.86
C ASN A 190 -8.01 -11.13 -26.14
N SER A 191 -7.02 -10.84 -25.30
CA SER A 191 -6.84 -9.54 -24.76
C SER A 191 -6.72 -8.53 -25.89
N PRO A 192 -7.49 -7.47 -25.83
CA PRO A 192 -7.70 -6.69 -27.05
C PRO A 192 -6.55 -5.80 -27.52
N LEU A 193 -6.57 -5.40 -28.79
CA LEU A 193 -5.56 -4.49 -29.29
C LEU A 193 -5.81 -3.18 -28.58
N SER A 194 -4.79 -2.62 -28.01
CA SER A 194 -4.83 -1.30 -27.44
C SER A 194 -3.62 -0.57 -27.98
N TRP A 195 -3.53 0.69 -27.63
CA TRP A 195 -2.41 1.52 -28.01
C TRP A 195 -1.09 0.85 -27.59
N ARG A 196 -1.11 0.06 -26.53
CA ARG A 196 0.12 -0.49 -25.99
C ARG A 196 0.73 -1.53 -26.94
N PHE A 197 -0.05 -1.98 -27.93
CA PHE A 197 0.42 -2.92 -28.95
C PHE A 197 0.66 -2.26 -30.32
N GLN A 198 0.62 -0.95 -30.37
CA GLN A 198 0.70 -0.18 -31.64
C GLN A 198 1.95 0.68 -31.62
N LYS A 199 2.89 0.34 -32.49
CA LYS A 199 4.18 0.99 -32.52
C LYS A 199 4.01 2.50 -32.72
N SER A 200 3.06 2.91 -33.58
CA SER A 200 2.92 4.35 -33.90
C SER A 200 2.58 5.18 -32.63
N ILE A 201 1.91 4.57 -31.64
CA ILE A 201 1.52 5.25 -30.45
C ILE A 201 2.52 4.99 -29.29
N ALA A 202 2.85 3.73 -29.05
CA ALA A 202 3.64 3.33 -27.85
C ALA A 202 5.15 3.44 -28.13
N GLY A 203 5.56 3.20 -29.39
CA GLY A 203 6.98 3.18 -29.76
C GLY A 203 7.53 1.78 -29.68
N SER A 204 7.20 1.04 -28.61
CA SER A 204 7.65 -0.34 -28.42
C SER A 204 6.68 -0.96 -27.42
N GLY A 205 6.87 -2.23 -27.12
CA GLY A 205 5.92 -2.94 -26.33
C GLY A 205 6.43 -3.18 -24.91
N ALA A 206 6.70 -4.43 -24.59
CA ALA A 206 7.31 -4.76 -23.28
C ALA A 206 8.55 -3.90 -23.04
N LEU A 207 9.36 -3.70 -24.07
CA LEU A 207 10.58 -2.89 -23.88
C LEU A 207 10.26 -1.55 -23.20
N GLY A 208 9.43 -0.72 -23.87
CA GLY A 208 9.16 0.59 -23.41
C GLY A 208 8.30 0.62 -22.15
N ASP A 209 7.37 -0.35 -22.07
CA ASP A 209 6.33 -0.24 -21.04
C ASP A 209 6.91 -0.74 -19.68
N ILE A 210 7.65 -1.84 -19.72
CA ILE A 210 8.07 -2.47 -18.44
C ILE A 210 9.59 -2.70 -18.37
N ALA A 211 10.31 -3.01 -19.49
CA ALA A 211 11.79 -3.18 -19.35
C ALA A 211 12.42 -1.88 -18.85
N THR A 212 11.85 -0.75 -19.21
CA THR A 212 12.41 0.52 -18.80
C THR A 212 12.41 0.66 -17.26
N HIS A 213 11.39 0.18 -16.57
CA HIS A 213 11.42 0.23 -15.10
C HIS A 213 12.65 -0.51 -14.56
N VAL A 214 12.98 -1.64 -15.16
CA VAL A 214 14.12 -2.46 -14.74
C VAL A 214 15.44 -1.77 -15.10
N ILE A 215 15.48 -1.22 -16.31
CA ILE A 215 16.65 -0.51 -16.78
C ILE A 215 16.95 0.65 -15.85
N ASP A 216 15.94 1.39 -15.43
CA ASP A 216 16.11 2.41 -14.45
C ASP A 216 16.73 1.85 -13.15
N MET A 217 16.26 0.71 -12.66
CA MET A 217 16.85 0.13 -11.44
C MET A 217 18.32 -0.24 -11.67
N ALA A 218 18.63 -0.76 -12.85
CA ALA A 218 19.99 -1.12 -13.18
C ALA A 218 20.93 0.12 -13.18
N ARG A 219 20.47 1.22 -13.76
CA ARG A 219 21.30 2.47 -13.77
C ARG A 219 21.49 3.00 -12.33
N TYR A 220 20.41 2.98 -11.56
CA TYR A 220 20.39 3.43 -10.15
C TYR A 220 21.30 2.55 -9.29
N LEU A 221 21.17 1.23 -9.38
CA LEU A 221 21.90 0.35 -8.44
C LEU A 221 23.31 0.00 -8.94
N VAL A 222 23.55 -0.10 -10.26
CA VAL A 222 24.81 -0.60 -10.77
C VAL A 222 25.59 0.54 -11.43
N GLY A 223 24.97 1.17 -12.42
CA GLY A 223 25.59 2.34 -13.12
C GLY A 223 25.23 2.34 -14.60
N GLU A 224 25.99 3.16 -15.38
CA GLU A 224 25.60 3.40 -16.76
C GLU A 224 25.86 2.16 -17.61
N PHE A 225 25.05 2.02 -18.66
CA PHE A 225 25.26 0.93 -19.61
C PHE A 225 26.30 1.33 -20.67
N SER A 226 27.12 0.38 -21.05
CA SER A 226 28.11 0.61 -22.09
C SER A 226 27.64 0.02 -23.43
N ALA A 227 27.09 -1.20 -23.44
CA ALA A 227 26.67 -1.89 -24.67
C ALA A 227 25.55 -2.89 -24.33
N VAL A 228 24.74 -3.21 -25.32
CA VAL A 228 23.66 -4.14 -25.16
C VAL A 228 23.66 -5.11 -26.34
N ASN A 229 23.09 -6.30 -26.11
CA ASN A 229 22.92 -7.28 -27.16
C ASN A 229 21.58 -7.99 -26.90
N ALA A 230 20.67 -7.92 -27.85
CA ALA A 230 19.25 -8.20 -27.51
C ALA A 230 18.53 -9.06 -28.55
N VAL A 231 17.41 -9.59 -28.06
CA VAL A 231 16.40 -10.34 -28.86
C VAL A 231 15.03 -9.80 -28.49
N LEU A 232 14.28 -9.36 -29.50
CA LEU A 232 12.87 -9.02 -29.32
C LEU A 232 11.97 -10.07 -29.91
N SER A 233 10.87 -10.38 -29.23
CA SER A 233 9.98 -11.46 -29.65
C SER A 233 8.53 -10.94 -29.61
N THR A 234 7.78 -11.25 -30.67
CA THR A 234 6.31 -11.08 -30.67
C THR A 234 5.71 -12.47 -30.74
N TRP A 235 4.87 -12.81 -29.78
CA TRP A 235 4.27 -14.15 -29.70
C TRP A 235 2.84 -14.17 -30.23
N ILE A 236 2.12 -13.07 -30.06
CA ILE A 236 0.72 -12.93 -30.43
C ILE A 236 0.64 -11.80 -31.45
N PRO A 237 0.52 -12.18 -32.73
CA PRO A 237 0.69 -11.14 -33.81
C PRO A 237 -0.56 -10.33 -34.18
N GLU A 238 -1.71 -10.74 -33.69
CA GLU A 238 -2.92 -9.95 -33.90
C GLU A 238 -3.86 -10.14 -32.71
N ARG A 239 -4.73 -9.14 -32.48
CA ARG A 239 -5.67 -9.17 -31.36
C ARG A 239 -7.00 -8.49 -31.73
N PRO A 240 -8.05 -8.88 -31.04
CA PRO A 240 -9.36 -8.24 -31.32
C PRO A 240 -9.31 -6.70 -31.20
N LEU A 241 -9.85 -5.95 -32.18
CA LEU A 241 -10.09 -4.50 -31.97
C LEU A 241 -11.37 -4.33 -31.14
N GLN A 242 -11.50 -3.31 -30.31
CA GLN A 242 -12.80 -3.05 -29.62
C GLN A 242 -13.41 -1.76 -30.17
N GLY A 250 -7.74 5.17 -39.50
CA GLY A 250 -7.96 4.08 -40.44
C GLY A 250 -7.39 2.75 -39.92
N THR A 251 -7.39 2.53 -38.60
CA THR A 251 -7.11 1.17 -38.04
C THR A 251 -8.25 0.25 -38.53
N VAL A 252 -9.52 0.72 -38.50
CA VAL A 252 -10.70 -0.07 -39.02
C VAL A 252 -10.56 -0.29 -40.54
N ARG A 253 -10.20 0.73 -41.30
CA ARG A 253 -10.09 0.63 -42.76
C ARG A 253 -8.80 -0.11 -43.17
N GLY A 254 -8.26 -0.99 -42.31
CA GLY A 254 -6.90 -1.57 -42.44
C GLY A 254 -6.79 -2.65 -43.52
N GLY A 255 -7.30 -3.88 -43.33
CA GLY A 255 -7.99 -4.34 -42.14
C GLY A 255 -9.41 -4.80 -42.44
N GLU A 256 -9.69 -6.07 -42.19
CA GLU A 256 -11.01 -6.59 -42.23
C GLU A 256 -11.09 -7.67 -41.14
N GLY A 257 -12.28 -7.82 -40.60
CA GLY A 257 -12.55 -8.78 -39.59
C GLY A 257 -12.24 -8.25 -38.19
N PRO A 258 -12.37 -9.12 -37.23
CA PRO A 258 -12.39 -8.72 -35.82
C PRO A 258 -11.03 -8.21 -35.29
N LYS A 259 -9.94 -8.59 -35.92
CA LYS A 259 -8.59 -8.39 -35.30
C LYS A 259 -7.74 -7.45 -36.15
N GLY A 260 -6.72 -6.90 -35.49
CA GLY A 260 -5.75 -6.06 -36.07
C GLY A 260 -4.35 -6.44 -35.58
N PRO A 261 -3.33 -5.99 -36.31
CA PRO A 261 -1.99 -6.48 -36.07
C PRO A 261 -1.31 -5.81 -34.87
N VAL A 262 -0.52 -6.64 -34.18
CA VAL A 262 0.46 -6.17 -33.20
C VAL A 262 1.81 -5.98 -33.92
N ASP A 263 2.43 -4.82 -33.77
CA ASP A 263 3.69 -4.57 -34.45
C ASP A 263 4.73 -4.10 -33.43
N VAL A 264 4.58 -4.57 -32.19
CA VAL A 264 5.63 -4.33 -31.15
C VAL A 264 6.03 -5.67 -30.58
N ASP A 265 7.05 -5.60 -29.70
CA ASP A 265 7.54 -6.75 -28.95
C ASP A 265 6.63 -7.08 -27.76
N ASP A 266 6.37 -8.36 -27.61
CA ASP A 266 5.74 -8.93 -26.39
C ASP A 266 6.79 -9.24 -25.31
N GLU A 267 8.04 -9.36 -25.73
CA GLU A 267 9.14 -9.88 -24.85
C GLU A 267 10.47 -9.32 -25.34
N VAL A 268 11.32 -9.00 -24.39
CA VAL A 268 12.66 -8.59 -24.74
C VAL A 268 13.62 -9.32 -23.81
N MET A 269 14.78 -9.73 -24.34
CA MET A 269 15.87 -10.05 -23.46
C MET A 269 17.13 -9.39 -24.00
N THR A 270 17.99 -8.91 -23.10
CA THR A 270 19.21 -8.28 -23.52
C THR A 270 20.32 -8.58 -22.52
N MET A 271 21.46 -8.84 -23.07
CA MET A 271 22.72 -8.85 -22.31
C MET A 271 23.28 -7.44 -22.25
N ILE A 272 24.06 -7.18 -21.17
CA ILE A 272 24.47 -5.81 -20.81
C ILE A 272 25.94 -5.84 -20.42
N ARG A 273 26.75 -4.95 -21.01
CA ARG A 273 28.06 -4.56 -20.45
C ARG A 273 27.91 -3.20 -19.79
N PHE A 274 28.25 -3.13 -18.50
CA PHE A 274 28.20 -1.88 -17.73
C PHE A 274 29.52 -1.12 -17.92
N ALA A 275 29.43 0.20 -17.93
CA ALA A 275 30.61 1.10 -18.03
C ALA A 275 31.63 0.75 -16.94
N ASN A 276 31.17 0.30 -15.75
CA ASN A 276 32.09 0.00 -14.64
C ASN A 276 32.68 -1.41 -14.73
N GLY A 277 32.40 -2.17 -15.80
CA GLY A 277 32.93 -3.52 -16.03
C GLY A 277 32.05 -4.64 -15.49
N ALA A 278 30.99 -4.33 -14.75
CA ALA A 278 30.01 -5.40 -14.42
C ALA A 278 29.35 -5.90 -15.71
N VAL A 279 28.77 -7.09 -15.63
CA VAL A 279 27.95 -7.64 -16.72
C VAL A 279 26.50 -7.81 -16.21
N GLY A 280 25.56 -7.99 -17.12
CA GLY A 280 24.25 -8.43 -16.67
C GLY A 280 23.29 -8.68 -17.81
N SER A 281 22.01 -8.72 -17.43
CA SER A 281 20.96 -9.01 -18.40
C SER A 281 19.62 -8.52 -17.85
N VAL A 282 18.69 -8.20 -18.79
CA VAL A 282 17.33 -7.76 -18.48
C VAL A 282 16.38 -8.53 -19.38
N GLU A 283 15.29 -9.01 -18.78
CA GLU A 283 14.29 -9.70 -19.54
C GLU A 283 12.94 -9.18 -19.05
N ALA A 284 12.05 -8.88 -19.99
CA ALA A 284 10.72 -8.43 -19.68
C ALA A 284 9.76 -9.09 -20.68
N THR A 285 8.58 -9.45 -20.18
CA THR A 285 7.58 -10.12 -21.02
C THR A 285 6.16 -9.83 -20.52
N ARG A 286 5.22 -9.87 -21.50
CA ARG A 286 3.80 -9.80 -21.25
C ARG A 286 3.14 -11.19 -21.29
N ASN A 287 3.92 -12.27 -21.41
CA ASN A 287 3.47 -13.62 -21.80
C ASN A 287 4.05 -14.70 -20.88
N ALA A 288 4.01 -14.41 -19.56
CA ALA A 288 4.51 -15.34 -18.52
C ALA A 288 3.37 -15.64 -17.54
N HIS A 289 2.56 -16.63 -17.88
CA HIS A 289 1.43 -17.04 -17.03
C HIS A 289 1.93 -17.27 -15.59
N GLY A 290 1.23 -16.71 -14.60
CA GLY A 290 1.63 -16.84 -13.19
C GLY A 290 2.43 -15.65 -12.68
N ARG A 291 2.99 -14.86 -13.57
CA ARG A 291 3.70 -13.64 -13.23
C ARG A 291 2.80 -12.42 -13.43
N ASN A 292 2.62 -11.63 -12.36
CA ASN A 292 1.63 -10.54 -12.39
C ASN A 292 2.31 -9.18 -12.56
N ASN A 293 3.15 -8.86 -11.56
CA ASN A 293 3.92 -7.66 -11.53
C ASN A 293 5.32 -7.99 -10.99
N TYR A 294 5.97 -8.90 -11.68
CA TYR A 294 7.13 -9.60 -11.13
C TYR A 294 8.40 -8.85 -11.55
N ILE A 295 8.65 -7.78 -10.81
CA ILE A 295 9.83 -6.89 -11.03
C ILE A 295 10.90 -7.42 -10.09
N THR A 296 11.98 -7.93 -10.65
CA THR A 296 12.99 -8.55 -9.79
C THR A 296 14.36 -7.96 -10.14
N PHE A 297 15.28 -8.13 -9.19
CA PHE A 297 16.67 -8.10 -9.54
C PHE A 297 17.45 -9.01 -8.59
N GLU A 298 18.61 -9.35 -9.07
CA GLU A 298 19.58 -10.17 -8.30
C GLU A 298 20.96 -9.59 -8.65
N ILE A 299 21.62 -9.13 -7.62
CA ILE A 299 22.96 -8.52 -7.80
C ILE A 299 24.00 -9.36 -7.06
N HIS A 300 25.07 -9.71 -7.76
CA HIS A 300 26.19 -10.42 -7.15
C HIS A 300 27.36 -9.45 -7.03
N GLY A 301 27.76 -9.25 -5.78
CA GLY A 301 28.94 -8.40 -5.45
C GLY A 301 30.08 -9.24 -4.90
N THR A 302 31.30 -8.68 -4.83
CA THR A 302 32.41 -9.44 -4.30
C THR A 302 32.21 -9.83 -2.83
N GLU A 303 31.37 -9.15 -2.07
CA GLU A 303 31.22 -9.42 -0.61
C GLU A 303 29.76 -9.72 -0.22
N GLY A 304 28.88 -9.89 -1.19
CA GLY A 304 27.49 -10.21 -0.85
C GLY A 304 26.60 -10.14 -2.08
N SER A 305 25.32 -10.43 -1.87
CA SER A 305 24.32 -10.45 -2.96
C SER A 305 23.04 -9.82 -2.44
N ILE A 306 22.24 -9.23 -3.36
CA ILE A 306 20.94 -8.69 -3.02
C ILE A 306 19.93 -9.21 -4.03
N VAL A 307 18.76 -9.54 -3.51
CA VAL A 307 17.62 -10.10 -4.32
C VAL A 307 16.35 -9.35 -3.95
N PHE A 308 15.59 -8.94 -4.97
CA PHE A 308 14.36 -8.21 -4.72
C PHE A 308 13.26 -8.76 -5.66
N ASN A 309 12.05 -8.77 -5.13
CA ASN A 309 10.81 -9.21 -5.85
C ASN A 309 9.67 -8.28 -5.48
N TYR A 310 9.20 -7.46 -6.43
CA TYR A 310 8.20 -6.44 -6.17
C TYR A 310 6.85 -7.08 -5.77
N GLU A 311 6.56 -8.29 -6.19
CA GLU A 311 5.36 -8.97 -5.73
C GLU A 311 5.35 -9.14 -4.20
N ARG A 312 6.55 -9.10 -3.60
CA ARG A 312 6.79 -9.13 -2.14
C ARG A 312 7.64 -7.91 -1.75
N ARG A 313 7.12 -6.75 -2.07
CA ARG A 313 7.95 -5.51 -2.12
C ARG A 313 8.36 -5.03 -0.72
N ASP A 314 7.71 -5.51 0.32
CA ASP A 314 8.14 -5.16 1.68
C ASP A 314 9.51 -5.76 2.05
N GLU A 315 9.95 -6.77 1.34
CA GLU A 315 11.15 -7.52 1.63
C GLU A 315 12.31 -7.09 0.74
N LEU A 316 13.47 -7.08 1.32
CA LEU A 316 14.72 -7.20 0.57
C LEU A 316 15.51 -8.40 1.08
N GLN A 317 16.02 -9.20 0.17
CA GLN A 317 16.85 -10.33 0.55
C GLN A 317 18.32 -9.94 0.37
N VAL A 318 19.12 -10.18 1.44
CA VAL A 318 20.56 -9.84 1.34
C VAL A 318 21.41 -10.93 2.01
N ALA A 319 22.48 -11.35 1.31
CA ALA A 319 23.45 -12.30 1.81
C ALA A 319 24.79 -11.58 1.95
N PHE A 320 25.31 -11.54 3.17
CA PHE A 320 26.64 -10.91 3.42
C PHE A 320 27.71 -11.99 3.58
N ALA A 321 28.80 -11.88 2.82
CA ALA A 321 29.82 -12.89 2.86
C ALA A 321 30.47 -12.85 4.27
N SER A 322 30.28 -11.75 4.97
CA SER A 322 30.93 -11.60 6.30
C SER A 322 30.18 -12.36 7.41
N ASP A 323 28.97 -12.86 7.17
CA ASP A 323 28.30 -13.63 8.19
C ASP A 323 29.20 -14.80 8.69
N GLN A 324 29.01 -15.22 9.97
CA GLN A 324 29.73 -16.43 10.45
C GLN A 324 29.30 -17.64 9.63
N ALA A 325 30.28 -18.47 9.35
CA ALA A 325 30.22 -19.52 8.36
C ALA A 325 29.09 -20.54 8.63
N ASP A 326 28.72 -20.75 9.87
CA ASP A 326 27.65 -21.73 10.15
C ASP A 326 26.30 -21.05 10.22
N ARG A 327 26.23 -19.76 9.85
CA ARG A 327 24.97 -19.03 9.94
C ARG A 327 24.88 -17.96 8.82
N ARG A 328 25.24 -18.42 7.62
CA ARG A 328 25.35 -17.57 6.41
C ARG A 328 24.19 -17.93 5.48
N GLY A 329 23.62 -16.91 4.90
CA GLY A 329 22.62 -17.09 3.82
C GLY A 329 21.89 -15.80 3.59
N PHE A 330 20.91 -15.81 2.66
CA PHE A 330 20.15 -14.64 2.44
C PHE A 330 19.23 -14.32 3.64
N ARG A 331 19.28 -13.09 4.12
CA ARG A 331 18.33 -12.70 5.13
C ARG A 331 17.20 -11.88 4.51
N THR A 332 16.00 -12.11 4.98
CA THR A 332 14.82 -11.36 4.49
C THR A 332 14.53 -10.17 5.39
N VAL A 333 14.87 -9.00 4.91
CA VAL A 333 14.76 -7.77 5.68
C VAL A 333 13.45 -7.06 5.31
N TYR A 334 12.56 -6.87 6.26
CA TYR A 334 11.32 -6.10 6.06
C TYR A 334 11.55 -4.61 6.33
N THR A 335 11.12 -3.76 5.39
CA THR A 335 11.37 -2.30 5.52
C THR A 335 10.40 -1.65 6.50
N GLY A 336 10.96 -0.66 7.21
CA GLY A 336 10.21 0.12 8.09
C GLY A 336 11.02 1.33 8.56
N PRO A 337 10.77 1.80 9.81
CA PRO A 337 11.37 3.06 10.29
C PRO A 337 12.89 3.12 10.13
N ALA A 338 13.60 2.01 10.23
CA ALA A 338 15.07 2.03 10.21
C ALA A 338 15.67 2.15 8.80
N HIS A 339 14.85 1.93 7.79
CA HIS A 339 15.31 1.84 6.41
C HIS A 339 14.93 3.14 5.67
N PRO A 340 15.45 3.33 4.47
CA PRO A 340 15.26 4.58 3.76
C PRO A 340 13.77 4.93 3.64
N TYR A 341 13.49 6.22 3.82
CA TYR A 341 12.15 6.79 3.78
C TYR A 341 11.27 6.38 4.97
N GLY A 342 11.80 5.57 5.87
CA GLY A 342 11.04 4.98 6.95
C GLY A 342 10.34 6.00 7.84
N GLU A 343 10.97 7.15 8.06
CA GLU A 343 10.41 8.18 8.97
C GLU A 343 9.08 8.71 8.45
N GLY A 344 8.87 8.63 7.14
CA GLY A 344 7.64 9.09 6.49
C GLY A 344 6.61 8.00 6.27
N LEU A 345 6.90 6.74 6.65
CA LEU A 345 5.99 5.67 6.31
C LEU A 345 5.38 5.07 7.59
N TRP A 346 5.35 3.75 7.72
CA TRP A 346 4.57 3.16 8.77
C TRP A 346 5.44 2.91 10.03
N PRO A 347 4.78 2.77 11.17
CA PRO A 347 5.52 2.74 12.46
C PRO A 347 6.26 1.43 12.74
N ILE A 348 5.97 0.34 12.03
CA ILE A 348 6.75 -0.87 12.16
C ILE A 348 6.92 -1.47 10.76
N PRO A 349 7.90 -2.35 10.60
CA PRO A 349 8.10 -3.06 9.37
C PRO A 349 6.86 -3.92 9.07
N ALA A 350 6.62 -4.14 7.79
CA ALA A 350 5.55 -5.03 7.31
C ALA A 350 4.15 -4.58 7.73
N LEU A 351 3.95 -3.34 8.18
CA LEU A 351 2.58 -2.82 8.23
C LEU A 351 2.01 -2.79 6.81
N GLY A 352 2.89 -2.58 5.83
CA GLY A 352 2.56 -2.91 4.42
C GLY A 352 2.70 -1.73 3.47
N ILE A 353 3.65 -1.85 2.55
CA ILE A 353 3.86 -0.95 1.40
C ILE A 353 3.06 -1.49 0.19
N GLY A 354 2.31 -0.60 -0.41
CA GLY A 354 1.66 -0.85 -1.71
C GLY A 354 2.11 0.14 -2.77
N TYR A 355 1.40 0.15 -3.90
CA TYR A 355 1.78 1.01 -5.02
C TYR A 355 1.74 2.49 -4.64
N GLY A 356 0.68 2.87 -3.93
CA GLY A 356 0.44 4.24 -3.51
C GLY A 356 1.61 4.81 -2.74
N GLU A 357 2.24 4.03 -1.86
CA GLU A 357 3.35 4.59 -1.11
C GLU A 357 4.52 4.92 -2.03
N THR A 358 4.73 4.18 -3.13
CA THR A 358 5.82 4.55 -4.02
C THR A 358 5.50 5.92 -4.65
N LYS A 359 4.24 6.17 -4.95
CA LYS A 359 3.87 7.44 -5.58
C LYS A 359 3.99 8.59 -4.55
N ILE A 360 3.74 8.29 -3.27
CA ILE A 360 3.84 9.28 -2.21
C ILE A 360 5.32 9.71 -2.03
N ILE A 361 6.21 8.75 -2.03
CA ILE A 361 7.63 8.98 -1.86
C ILE A 361 8.16 9.76 -3.05
N GLU A 362 7.78 9.34 -4.24
CA GLU A 362 8.11 10.05 -5.51
C GLU A 362 7.72 11.54 -5.36
N ALA A 363 6.47 11.75 -4.97
CA ALA A 363 5.93 13.14 -4.85
C ALA A 363 6.70 13.91 -3.77
N HIS A 364 7.01 13.24 -2.65
CA HIS A 364 7.77 13.89 -1.59
C HIS A 364 9.07 14.43 -2.18
N ASP A 365 9.80 13.58 -2.91
CA ASP A 365 11.10 14.02 -3.38
C ASP A 365 10.97 15.09 -4.49
N PHE A 366 9.92 15.02 -5.28
CA PHE A 366 9.64 15.96 -6.33
C PHE A 366 9.42 17.36 -5.71
N PHE A 367 8.54 17.43 -4.72
CA PHE A 367 8.17 18.71 -4.09
C PHE A 367 9.32 19.24 -3.23
N LYS A 368 10.09 18.32 -2.65
CA LYS A 368 11.31 18.71 -1.94
C LYS A 368 12.28 19.44 -2.87
N ALA A 369 12.49 18.88 -4.06
CA ALA A 369 13.43 19.50 -4.99
C ALA A 369 12.89 20.89 -5.36
N ILE A 370 11.59 20.98 -5.60
CA ILE A 370 10.96 22.27 -5.95
C ILE A 370 11.19 23.28 -4.81
N ALA A 371 10.80 22.92 -3.59
CA ALA A 371 10.94 23.81 -2.41
C ALA A 371 12.39 24.27 -2.24
N GLU A 372 13.38 23.39 -2.43
CA GLU A 372 14.78 23.72 -2.12
C GLU A 372 15.54 24.25 -3.34
N GLY A 373 14.90 24.39 -4.49
CA GLY A 373 15.58 24.82 -5.71
C GLY A 373 16.62 23.81 -6.16
N GLY A 374 16.29 22.53 -5.98
CA GLY A 374 17.23 21.47 -6.36
C GLY A 374 16.76 20.72 -7.59
N SER A 375 17.38 19.59 -7.84
CA SER A 375 16.94 18.68 -8.86
C SER A 375 16.52 17.35 -8.21
N VAL A 376 15.91 16.48 -9.00
CA VAL A 376 15.46 15.16 -8.53
C VAL A 376 15.97 14.10 -9.53
N SER A 377 16.21 12.88 -9.04
CA SER A 377 16.53 11.73 -9.91
C SER A 377 15.43 10.65 -9.71
N PRO A 378 14.88 10.04 -10.77
CA PRO A 378 15.27 10.21 -12.16
C PRO A 378 14.61 11.42 -12.85
N SER A 379 15.42 12.16 -13.63
CA SER A 379 14.97 13.40 -14.30
C SER A 379 14.71 13.07 -15.76
N PHE A 380 14.43 14.08 -16.57
CA PHE A 380 14.36 13.85 -18.01
C PHE A 380 15.72 13.40 -18.55
N ALA A 381 16.80 13.77 -17.87
CA ALA A 381 18.08 13.30 -18.31
C ALA A 381 18.09 11.77 -18.20
N ASP A 382 17.59 11.24 -17.09
CA ASP A 382 17.55 9.78 -16.92
C ASP A 382 16.55 9.17 -17.90
N GLY A 383 15.42 9.86 -18.11
CA GLY A 383 14.43 9.36 -19.02
C GLY A 383 14.98 9.26 -20.44
N TYR A 384 15.77 10.27 -20.82
CA TYR A 384 16.38 10.29 -22.15
C TYR A 384 17.46 9.20 -22.27
N GLN A 385 18.25 9.01 -21.21
CA GLN A 385 19.29 7.98 -21.23
C GLN A 385 18.64 6.62 -21.42
N VAL A 386 17.52 6.41 -20.73
CA VAL A 386 16.81 5.13 -20.87
C VAL A 386 16.29 4.99 -22.32
N ALA A 387 15.76 6.07 -22.90
CA ALA A 387 15.30 5.98 -24.32
C ALA A 387 16.48 5.68 -25.25
N LEU A 388 17.68 6.19 -24.97
CA LEU A 388 18.87 5.80 -25.79
C LEU A 388 19.20 4.31 -25.64
N ILE A 389 19.05 3.78 -24.41
CA ILE A 389 19.25 2.33 -24.22
C ILE A 389 18.21 1.54 -25.01
N ASP A 390 16.93 1.97 -24.96
CA ASP A 390 15.93 1.22 -25.74
C ASP A 390 16.27 1.24 -27.27
N ASP A 391 16.64 2.41 -27.76
CA ASP A 391 17.03 2.50 -29.21
C ASP A 391 18.16 1.47 -29.54
N ALA A 392 19.14 1.40 -28.63
CA ALA A 392 20.29 0.53 -28.80
C ALA A 392 19.84 -0.94 -28.76
N ILE A 393 18.89 -1.24 -27.86
CA ILE A 393 18.32 -2.59 -27.80
C ILE A 393 17.65 -2.94 -29.13
N VAL A 394 16.86 -2.01 -29.66
CA VAL A 394 16.10 -2.28 -30.90
C VAL A 394 17.11 -2.49 -32.06
N GLU A 395 18.08 -1.60 -32.13
CA GLU A 395 19.13 -1.67 -33.20
C GLU A 395 19.85 -3.01 -33.06
N SER A 396 20.26 -3.34 -31.82
CA SER A 396 20.95 -4.60 -31.56
C SER A 396 20.16 -5.79 -32.05
N ALA A 397 18.86 -5.80 -31.74
CA ALA A 397 18.04 -6.95 -32.06
C ALA A 397 17.93 -7.12 -33.58
N ALA A 398 17.78 -6.03 -34.29
CA ALA A 398 17.68 -6.04 -35.77
C ALA A 398 19.02 -6.48 -36.42
N LYS A 399 20.15 -5.97 -35.94
CA LYS A 399 21.48 -6.32 -36.50
C LYS A 399 22.04 -7.65 -35.94
N GLU A 400 21.46 -8.16 -34.85
CA GLU A 400 21.96 -9.35 -34.14
C GLU A 400 23.40 -9.13 -33.70
N SER A 401 23.66 -7.93 -33.20
CA SER A 401 24.98 -7.46 -32.89
C SER A 401 24.98 -6.70 -31.58
N TRP A 402 26.13 -6.67 -30.96
CA TRP A 402 26.36 -5.72 -29.86
C TRP A 402 26.22 -4.29 -30.36
N VAL A 403 25.59 -3.43 -29.58
CA VAL A 403 25.46 -2.00 -29.86
C VAL A 403 25.90 -1.17 -28.65
N ASP A 404 26.76 -0.21 -28.95
CA ASP A 404 27.17 0.70 -27.93
C ASP A 404 26.05 1.64 -27.58
N VAL A 405 25.98 1.96 -26.30
CA VAL A 405 24.95 2.90 -25.86
C VAL A 405 25.57 4.29 -25.70
N PRO A 406 25.08 5.28 -26.49
CA PRO A 406 25.53 6.65 -26.31
C PRO A 406 25.23 7.12 -24.87
N GLN A 407 26.21 7.77 -24.22
CA GLN A 407 26.12 8.25 -22.82
C GLN A 407 25.81 9.76 -22.86
N ILE A 408 24.62 10.17 -23.32
CA ILE A 408 24.11 11.58 -23.18
C ILE A 408 25.29 12.57 -23.15
N MET B 21 -25.39 13.04 -3.95
CA MET B 21 -24.27 12.47 -3.10
C MET B 21 -23.93 13.46 -1.97
N GLN B 22 -24.15 13.02 -0.73
CA GLN B 22 -24.05 13.89 0.42
C GLN B 22 -22.59 14.00 0.88
N ASN B 23 -22.23 15.19 1.32
CA ASN B 23 -21.03 15.41 2.11
C ASN B 23 -21.27 14.95 3.55
N LEU B 24 -20.40 14.11 4.09
CA LEU B 24 -20.46 13.68 5.49
C LEU B 24 -19.19 14.17 6.22
N ASN B 25 -19.43 14.99 7.25
CA ASN B 25 -18.39 15.68 7.96
C ASN B 25 -17.87 14.75 9.05
N VAL B 26 -16.58 14.47 8.97
CA VAL B 26 -15.89 13.59 9.92
C VAL B 26 -15.15 14.42 10.95
N GLY B 27 -15.35 14.04 12.20
CA GLY B 27 -14.50 14.43 13.29
C GLY B 27 -13.59 13.29 13.74
N LEU B 28 -12.29 13.45 13.59
CA LEU B 28 -11.28 12.48 14.06
C LEU B 28 -10.78 12.90 15.44
N ILE B 29 -10.85 12.01 16.39
CA ILE B 29 -10.37 12.28 17.75
C ILE B 29 -9.11 11.43 17.96
N GLY B 30 -7.96 12.11 18.06
CA GLY B 30 -6.69 11.49 18.39
C GLY B 30 -6.07 10.78 17.19
N GLY B 31 -5.52 9.59 17.37
CA GLY B 31 -4.98 8.84 16.26
C GLY B 31 -3.48 8.71 16.29
N GLY B 32 -2.78 9.54 17.06
CA GLY B 32 -1.28 9.48 17.11
C GLY B 32 -0.63 9.73 15.74
N PHE B 33 0.47 9.04 15.46
CA PHE B 33 1.15 9.21 14.13
C PHE B 33 0.23 8.67 13.01
N MET B 34 -0.46 7.59 13.42
CA MET B 34 -1.32 6.78 12.56
C MET B 34 -2.58 7.54 12.13
N GLY B 35 -2.76 8.78 12.53
CA GLY B 35 -3.81 9.63 11.96
C GLY B 35 -3.70 9.75 10.43
N LYS B 36 -2.48 9.61 9.91
CA LYS B 36 -2.26 9.61 8.46
C LYS B 36 -3.11 8.50 7.81
N ALA B 37 -3.31 7.37 8.49
CA ALA B 37 -4.01 6.27 7.83
C ALA B 37 -5.51 6.58 7.73
N HIS B 38 -6.04 7.24 8.80
CA HIS B 38 -7.43 7.71 8.84
C HIS B 38 -7.66 8.78 7.75
N SER B 39 -6.79 9.77 7.69
CA SER B 39 -7.05 10.91 6.80
C SER B 39 -6.79 10.48 5.36
N LEU B 40 -5.88 9.51 5.15
CA LEU B 40 -5.72 8.89 3.84
C LEU B 40 -7.02 8.22 3.42
N ALA B 41 -7.63 7.44 4.31
CA ALA B 41 -8.84 6.73 3.97
C ALA B 41 -9.93 7.72 3.50
N TYR B 42 -10.10 8.83 4.23
CA TYR B 42 -11.20 9.77 3.96
C TYR B 42 -10.91 10.48 2.64
N ALA B 43 -9.65 10.77 2.35
CA ALA B 43 -9.27 11.48 1.14
C ALA B 43 -9.36 10.57 -0.09
N ALA B 44 -8.94 9.30 0.05
CA ALA B 44 -8.76 8.44 -1.11
C ALA B 44 -9.99 7.58 -1.38
N MET B 45 -10.86 7.31 -0.39
CA MET B 45 -11.94 6.35 -0.61
C MET B 45 -12.78 6.72 -1.85
N PRO B 46 -13.24 7.96 -2.03
CA PRO B 46 -14.01 8.20 -3.28
C PRO B 46 -13.16 8.14 -4.58
N MET B 47 -11.86 8.36 -4.49
CA MET B 47 -10.99 8.21 -5.65
C MET B 47 -11.04 6.75 -6.11
N PHE B 48 -11.13 5.82 -5.15
CA PHE B 48 -11.03 4.39 -5.44
C PHE B 48 -12.38 3.81 -5.84
N PHE B 49 -13.42 4.27 -5.14
CA PHE B 49 -14.73 3.69 -5.30
C PHE B 49 -15.69 4.79 -5.73
N TRP B 50 -16.01 4.85 -7.02
CA TRP B 50 -16.71 5.98 -7.61
C TRP B 50 -17.81 5.53 -8.59
N PRO B 51 -19.02 6.06 -8.48
CA PRO B 51 -19.46 7.06 -7.48
C PRO B 51 -19.44 6.57 -6.03
N ALA B 52 -19.03 7.45 -5.14
CA ALA B 52 -18.87 7.10 -3.76
C ALA B 52 -20.25 7.06 -3.09
N PRO B 53 -20.38 6.22 -2.06
CA PRO B 53 -21.59 6.24 -1.28
C PRO B 53 -21.85 7.64 -0.70
N ALA B 54 -20.79 8.34 -0.33
CA ALA B 54 -20.88 9.70 0.17
C ALA B 54 -19.47 10.28 0.18
N LEU B 55 -19.37 11.61 0.23
CA LEU B 55 -18.09 12.28 0.16
C LEU B 55 -17.59 12.59 1.58
N PRO B 56 -16.56 11.89 2.05
CA PRO B 56 -16.07 12.19 3.39
C PRO B 56 -15.41 13.58 3.38
N VAL B 57 -15.68 14.37 4.41
CA VAL B 57 -15.03 15.64 4.56
C VAL B 57 -14.27 15.61 5.90
N ARG B 58 -13.00 15.97 5.85
CA ARG B 58 -12.16 15.99 7.00
C ARG B 58 -12.46 17.31 7.72
N LYS B 59 -13.49 17.31 8.56
CA LYS B 59 -14.08 18.57 9.01
C LYS B 59 -13.29 19.08 10.23
N VAL B 60 -13.10 18.22 11.21
CA VAL B 60 -12.46 18.64 12.47
C VAL B 60 -11.64 17.50 13.05
N ILE B 61 -10.50 17.84 13.66
CA ILE B 61 -9.65 16.89 14.39
C ILE B 61 -9.43 17.42 15.81
N ALA B 62 -9.52 16.51 16.77
CA ALA B 62 -9.24 16.80 18.19
C ALA B 62 -7.91 16.18 18.58
N GLU B 63 -7.05 16.95 19.25
CA GLU B 63 -5.89 16.41 19.93
C GLU B 63 -5.84 16.99 21.35
N ALA B 64 -4.79 16.62 22.08
CA ALA B 64 -4.71 16.79 23.53
C ALA B 64 -4.62 18.29 23.88
N ASN B 65 -4.05 19.11 23.00
CA ASN B 65 -4.05 20.55 23.23
C ASN B 65 -4.22 21.27 21.90
N PRO B 66 -4.51 22.58 21.95
CA PRO B 66 -4.95 23.31 20.76
C PRO B 66 -3.83 23.44 19.70
N GLU B 67 -2.61 23.66 20.14
CA GLU B 67 -1.44 23.71 19.24
C GLU B 67 -1.25 22.38 18.48
N LEU B 68 -1.18 21.28 19.21
CA LEU B 68 -1.10 19.96 18.58
C LEU B 68 -2.26 19.78 17.59
N ALA B 69 -3.47 20.16 18.01
CA ALA B 69 -4.67 19.94 17.22
C ALA B 69 -4.59 20.77 15.93
N ALA B 70 -4.11 22.01 16.06
CA ALA B 70 -3.98 22.91 14.90
C ALA B 70 -2.97 22.33 13.90
N GLU B 71 -1.87 21.82 14.41
CA GLU B 71 -0.76 21.25 13.60
C GLU B 71 -1.23 19.98 12.87
N ALA B 72 -1.95 19.14 13.58
CA ALA B 72 -2.53 17.91 13.01
C ALA B 72 -3.53 18.25 11.91
N ALA B 73 -4.31 19.32 12.10
CA ALA B 73 -5.25 19.72 11.09
C ALA B 73 -4.53 20.17 9.81
N ARG B 74 -3.40 20.84 9.97
CA ARG B 74 -2.56 21.24 8.86
C ARG B 74 -1.97 19.99 8.18
N ARG B 75 -1.45 19.08 8.98
CA ARG B 75 -0.75 17.91 8.43
C ARG B 75 -1.72 16.97 7.70
N PHE B 76 -2.89 16.77 8.30
CA PHE B 76 -3.86 15.78 7.84
C PHE B 76 -4.94 16.44 6.96
N GLY B 77 -4.92 17.77 6.76
CA GLY B 77 -5.89 18.40 5.85
C GLY B 77 -7.30 18.47 6.40
N PHE B 78 -7.44 18.71 7.71
CA PHE B 78 -8.72 19.01 8.35
C PHE B 78 -8.94 20.53 8.40
N GLU B 79 -10.19 20.91 8.18
CA GLU B 79 -10.60 22.29 8.11
C GLU B 79 -10.42 22.96 9.49
N ASN B 80 -10.82 22.29 10.56
CA ASN B 80 -10.90 22.85 11.91
C ASN B 80 -10.17 21.94 12.89
N SER B 81 -9.83 22.49 14.06
CA SER B 81 -9.16 21.77 15.14
C SER B 81 -9.70 22.19 16.50
N THR B 82 -9.55 21.33 17.48
CA THR B 82 -10.05 21.57 18.83
C THR B 82 -9.22 20.72 19.79
N SER B 83 -9.12 21.15 21.07
CA SER B 83 -8.61 20.29 22.15
C SER B 83 -9.76 19.72 22.98
N ASP B 84 -10.99 19.97 22.58
CA ASP B 84 -12.14 19.52 23.33
C ASP B 84 -12.99 18.62 22.46
N TRP B 85 -12.89 17.34 22.71
CA TRP B 85 -13.62 16.37 21.90
C TRP B 85 -15.13 16.53 22.07
N ARG B 86 -15.61 16.96 23.25
CA ARG B 86 -17.04 17.13 23.44
C ARG B 86 -17.60 18.13 22.42
N SER B 87 -16.80 19.12 21.99
CA SER B 87 -17.27 20.15 21.04
C SER B 87 -17.62 19.54 19.69
N ILE B 88 -16.94 18.45 19.38
CA ILE B 88 -17.21 17.69 18.16
C ILE B 88 -18.54 16.95 18.34
N ILE B 89 -18.68 16.22 19.45
CA ILE B 89 -19.90 15.46 19.78
C ILE B 89 -21.10 16.43 19.75
N ASP B 90 -20.96 17.65 20.26
CA ASP B 90 -22.13 18.62 20.33
C ASP B 90 -22.38 19.49 19.08
N ASP B 91 -21.63 19.24 18.01
CA ASP B 91 -21.71 20.07 16.83
C ASP B 91 -22.70 19.37 15.97
N PRO B 92 -23.86 20.00 15.74
CA PRO B 92 -24.85 19.24 15.01
C PRO B 92 -24.44 18.99 13.56
N ASP B 93 -23.39 19.64 13.05
CA ASP B 93 -22.97 19.48 11.67
C ASP B 93 -21.87 18.45 11.44
N ILE B 94 -21.48 17.77 12.51
CA ILE B 94 -20.60 16.61 12.38
C ILE B 94 -21.47 15.36 12.25
N HIS B 95 -21.24 14.56 11.19
CA HIS B 95 -22.05 13.39 10.92
C HIS B 95 -21.38 12.11 11.45
N VAL B 96 -20.05 12.09 11.47
CA VAL B 96 -19.26 10.89 11.74
C VAL B 96 -18.18 11.21 12.77
N VAL B 97 -18.09 10.37 13.79
CA VAL B 97 -17.02 10.46 14.74
C VAL B 97 -16.08 9.24 14.61
N ASP B 98 -14.81 9.56 14.37
CA ASP B 98 -13.71 8.59 14.28
C ASP B 98 -12.93 8.64 15.59
N ILE B 99 -13.06 7.56 16.38
CA ILE B 99 -12.43 7.46 17.69
C ILE B 99 -11.13 6.65 17.54
N ALA B 100 -10.00 7.34 17.65
CA ALA B 100 -8.71 6.73 17.48
C ALA B 100 -7.83 7.01 18.70
N THR B 101 -8.43 7.14 19.87
CA THR B 101 -7.66 7.30 21.10
C THR B 101 -7.22 5.92 21.63
N PRO B 102 -6.39 5.94 22.66
CA PRO B 102 -6.20 4.74 23.46
C PRO B 102 -7.49 4.18 24.09
N ASN B 103 -7.39 2.91 24.54
CA ASN B 103 -8.59 2.06 24.86
C ASN B 103 -9.40 2.67 26.01
N HIS B 104 -8.74 3.42 26.89
CA HIS B 104 -9.40 3.90 28.10
C HIS B 104 -10.44 4.97 27.80
N LEU B 105 -10.34 5.66 26.66
CA LEU B 105 -11.29 6.76 26.33
C LEU B 105 -12.37 6.35 25.33
N HIS B 106 -12.32 5.16 24.76
CA HIS B 106 -13.36 4.78 23.79
C HIS B 106 -14.79 4.93 24.32
N ALA B 107 -15.06 4.46 25.53
CA ALA B 107 -16.44 4.27 25.95
C ALA B 107 -17.09 5.63 26.19
N GLU B 108 -16.42 6.53 26.88
CA GLU B 108 -17.03 7.82 27.17
C GLU B 108 -17.40 8.54 25.87
N ILE B 109 -16.44 8.51 24.96
CA ILE B 109 -16.57 9.21 23.73
C ILE B 109 -17.66 8.57 22.88
N ALA B 110 -17.68 7.25 22.78
CA ALA B 110 -18.61 6.62 21.90
C ALA B 110 -20.04 6.77 22.42
N ILE B 111 -20.21 6.64 23.73
CA ILE B 111 -21.56 6.70 24.29
C ILE B 111 -22.12 8.12 24.09
N ALA B 112 -21.28 9.14 24.28
CA ALA B 112 -21.65 10.53 24.05
C ALA B 112 -22.00 10.75 22.57
N ALA B 113 -21.18 10.24 21.65
CA ALA B 113 -21.49 10.29 20.21
C ALA B 113 -22.79 9.53 19.87
N ALA B 114 -22.99 8.35 20.42
CA ALA B 114 -24.23 7.60 20.18
C ALA B 114 -25.46 8.44 20.62
N GLU B 115 -25.34 9.10 21.76
CA GLU B 115 -26.50 9.87 22.29
C GLU B 115 -26.71 11.13 21.43
N ALA B 116 -25.68 11.66 20.79
CA ALA B 116 -25.82 12.78 19.87
C ALA B 116 -26.20 12.31 18.46
N GLY B 117 -26.44 11.02 18.23
CA GLY B 117 -26.94 10.53 16.90
C GLY B 117 -25.85 10.51 15.83
N LYS B 118 -24.59 10.36 16.21
CA LYS B 118 -23.49 10.36 15.23
C LYS B 118 -23.10 8.92 14.85
N HIS B 119 -22.73 8.73 13.60
CA HIS B 119 -22.16 7.46 13.15
C HIS B 119 -20.75 7.35 13.69
N ILE B 120 -20.35 6.13 14.06
CA ILE B 120 -19.08 6.01 14.82
C ILE B 120 -18.21 4.90 14.20
N ILE B 121 -16.95 5.22 13.98
CA ILE B 121 -15.92 4.18 13.83
C ILE B 121 -14.95 4.31 15.01
N CYS B 122 -14.72 3.20 15.67
CA CYS B 122 -13.89 3.17 16.83
C CYS B 122 -12.75 2.18 16.65
N GLU B 123 -11.58 2.60 17.11
CA GLU B 123 -10.41 1.69 17.19
C GLU B 123 -10.68 0.49 18.09
N LYS B 124 -9.93 -0.57 17.83
CA LYS B 124 -9.96 -1.73 18.68
C LYS B 124 -8.89 -1.66 19.77
N PRO B 125 -8.97 -2.52 20.82
CA PRO B 125 -10.18 -3.24 21.21
C PRO B 125 -11.33 -2.26 21.52
N LEU B 126 -12.56 -2.73 21.60
CA LEU B 126 -13.62 -1.77 21.64
C LEU B 126 -13.46 -0.91 22.91
N ALA B 127 -13.15 -1.56 23.99
CA ALA B 127 -12.84 -0.87 25.24
C ALA B 127 -11.80 -1.68 26.06
N ARG B 128 -11.49 -1.11 27.22
CA ARG B 128 -10.50 -1.58 28.24
C ARG B 128 -10.99 -2.90 28.84
N THR B 129 -12.31 -3.05 29.00
CA THR B 129 -12.94 -4.22 29.65
C THR B 129 -14.20 -4.67 28.91
N GLY B 130 -14.64 -5.88 29.25
CA GLY B 130 -15.92 -6.44 28.76
C GLY B 130 -17.14 -5.60 29.15
N GLU B 131 -17.19 -5.16 30.41
CA GLU B 131 -18.30 -4.38 30.93
C GLU B 131 -18.37 -3.02 30.23
N GLU B 132 -17.23 -2.41 30.05
CA GLU B 132 -17.17 -1.17 29.34
C GLU B 132 -17.62 -1.36 27.88
N SER B 133 -17.23 -2.48 27.28
CA SER B 133 -17.62 -2.73 25.89
C SER B 133 -19.14 -2.93 25.78
N LYS B 134 -19.76 -3.58 26.78
CA LYS B 134 -21.23 -3.78 26.79
C LYS B 134 -21.98 -2.44 26.82
N ALA B 135 -21.46 -1.49 27.58
CA ALA B 135 -22.08 -0.19 27.68
C ALA B 135 -22.05 0.50 26.32
N MET B 136 -20.97 0.32 25.56
CA MET B 136 -20.91 0.94 24.21
C MET B 136 -21.92 0.30 23.26
N TYR B 137 -21.91 -1.01 23.28
CA TYR B 137 -22.85 -1.74 22.47
C TYR B 137 -24.29 -1.32 22.82
N ASP B 138 -24.59 -1.31 24.14
CA ASP B 138 -25.97 -0.94 24.56
C ASP B 138 -26.35 0.48 24.09
N ALA B 139 -25.40 1.38 24.06
CA ALA B 139 -25.67 2.75 23.67
C ALA B 139 -26.01 2.85 22.18
N VAL B 140 -25.54 1.92 21.33
CA VAL B 140 -25.70 2.13 19.89
C VAL B 140 -26.75 1.19 19.34
N LYS B 141 -26.92 0.06 19.99
CA LYS B 141 -27.58 -1.04 19.33
C LYS B 141 -29.02 -0.68 18.95
N ASP B 142 -29.64 0.30 19.60
CA ASP B 142 -31.03 0.64 19.32
C ASP B 142 -31.16 1.92 18.58
N LYS B 143 -30.06 2.60 18.31
CA LYS B 143 -30.10 3.88 17.57
C LYS B 143 -30.10 3.60 16.08
N ASN B 144 -30.41 4.62 15.29
CA ASN B 144 -30.38 4.50 13.84
C ASN B 144 -29.03 5.05 13.33
N ILE B 145 -27.96 4.40 13.76
CA ILE B 145 -26.63 4.90 13.41
C ILE B 145 -25.76 3.71 13.01
N VAL B 146 -24.73 4.00 12.22
CA VAL B 146 -23.80 2.99 11.80
C VAL B 146 -22.66 3.01 12.80
N HIS B 147 -22.34 1.84 13.33
CA HIS B 147 -21.24 1.71 14.26
C HIS B 147 -20.28 0.62 13.77
N MET B 148 -18.98 0.93 13.85
CA MET B 148 -17.95 0.02 13.28
C MET B 148 -16.73 -0.01 14.20
N VAL B 149 -16.17 -1.20 14.41
CA VAL B 149 -14.88 -1.33 15.12
C VAL B 149 -13.77 -1.64 14.07
N ALA B 150 -12.59 -1.07 14.25
CA ALA B 150 -11.55 -0.99 13.18
C ALA B 150 -10.70 -2.26 13.13
N PHE B 151 -11.33 -3.43 12.94
CA PHE B 151 -10.59 -4.67 12.62
C PHE B 151 -10.30 -4.64 11.10
N ASN B 152 -9.43 -3.72 10.72
CA ASN B 152 -9.22 -3.36 9.33
C ASN B 152 -8.59 -4.51 8.54
N TYR B 153 -7.85 -5.41 9.21
CA TYR B 153 -7.12 -6.43 8.53
C TYR B 153 -8.05 -7.45 7.90
N ARG B 154 -9.30 -7.56 8.34
CA ARG B 154 -10.20 -8.50 7.66
C ARG B 154 -10.59 -7.98 6.26
N ARG B 155 -10.34 -6.72 5.93
CA ARG B 155 -10.63 -6.16 4.65
C ARG B 155 -9.36 -6.15 3.77
N THR B 156 -8.29 -6.84 4.17
CA THR B 156 -7.25 -7.23 3.22
C THR B 156 -7.93 -8.09 2.13
N PRO B 157 -7.73 -7.73 0.85
CA PRO B 157 -8.47 -8.47 -0.15
C PRO B 157 -8.27 -9.98 -0.03
N ALA B 158 -7.06 -10.45 0.24
CA ALA B 158 -6.76 -11.87 0.40
C ALA B 158 -7.64 -12.54 1.47
N VAL B 159 -7.92 -11.81 2.55
CA VAL B 159 -8.73 -12.33 3.63
C VAL B 159 -10.21 -12.42 3.20
N ALA B 160 -10.70 -11.40 2.51
CA ALA B 160 -12.06 -11.45 1.91
C ALA B 160 -12.14 -12.55 0.86
N LEU B 161 -11.05 -12.80 0.12
CA LEU B 161 -10.99 -13.93 -0.82
C LEU B 161 -11.12 -15.27 -0.09
N ALA B 162 -10.44 -15.43 1.03
CA ALA B 162 -10.57 -16.65 1.87
C ALA B 162 -12.04 -16.86 2.26
N LYS B 163 -12.67 -15.76 2.64
CA LYS B 163 -14.11 -15.83 3.02
C LYS B 163 -14.96 -16.28 1.83
N LYS B 164 -14.61 -15.81 0.64
CA LYS B 164 -15.37 -16.13 -0.56
C LYS B 164 -15.26 -17.64 -0.82
N TYR B 165 -14.04 -18.17 -0.78
CA TYR B 165 -13.81 -19.58 -0.97
C TYR B 165 -14.59 -20.38 0.06
N ILE B 166 -14.52 -19.98 1.32
CA ILE B 166 -15.21 -20.72 2.38
C ILE B 166 -16.73 -20.73 2.16
N GLU B 167 -17.28 -19.57 1.85
CA GLU B 167 -18.75 -19.42 1.69
C GLU B 167 -19.27 -20.23 0.50
N GLU B 168 -18.48 -20.31 -0.56
CA GLU B 168 -18.79 -21.11 -1.74
C GLU B 168 -18.72 -22.61 -1.49
N GLY B 169 -18.15 -23.12 -0.41
CA GLY B 169 -17.99 -24.51 -0.28
C GLY B 169 -16.70 -25.04 -0.90
N ALA B 170 -15.84 -24.13 -1.33
CA ALA B 170 -14.63 -24.49 -2.13
C ALA B 170 -13.63 -25.33 -1.30
N ILE B 171 -13.61 -25.19 0.05
CA ILE B 171 -12.72 -26.05 0.85
C ILE B 171 -13.52 -27.00 1.74
N GLY B 172 -14.82 -27.16 1.44
CA GLY B 172 -15.66 -28.04 2.25
C GLY B 172 -16.01 -27.42 3.59
N ARG B 173 -16.20 -28.27 4.58
CA ARG B 173 -16.52 -27.79 5.91
C ARG B 173 -15.22 -27.53 6.67
N ILE B 174 -15.23 -26.50 7.48
CA ILE B 174 -14.05 -26.22 8.29
C ILE B 174 -13.96 -27.14 9.51
N LEU B 175 -12.77 -27.73 9.73
CA LEU B 175 -12.47 -28.59 10.87
C LEU B 175 -11.60 -27.85 11.90
N SER B 176 -10.56 -27.14 11.42
CA SER B 176 -9.50 -26.69 12.30
C SER B 176 -8.98 -25.33 11.80
N PHE B 177 -8.71 -24.43 12.77
CA PHE B 177 -8.21 -23.09 12.53
C PHE B 177 -7.00 -22.83 13.43
N ARG B 178 -5.97 -22.23 12.84
CA ARG B 178 -4.74 -21.79 13.54
C ARG B 178 -4.59 -20.33 13.17
N GLY B 179 -4.51 -19.43 14.14
CA GLY B 179 -4.25 -18.03 13.80
C GLY B 179 -3.20 -17.42 14.71
N THR B 180 -2.32 -16.58 14.12
CA THR B 180 -1.26 -16.00 14.95
C THR B 180 -1.09 -14.53 14.61
N TYR B 181 -0.54 -13.78 15.60
CA TYR B 181 -0.11 -12.45 15.37
C TYR B 181 1.20 -12.29 16.14
N LEU B 182 2.30 -12.40 15.42
CA LEU B 182 3.65 -12.36 16.06
C LEU B 182 4.35 -11.03 15.70
N GLN B 183 4.96 -10.41 16.71
CA GLN B 183 5.62 -9.13 16.59
C GLN B 183 6.86 -9.14 17.48
N ASP B 184 7.71 -8.13 17.26
CA ASP B 184 8.96 -7.97 18.04
C ASP B 184 9.23 -6.52 18.40
N TRP B 185 8.26 -5.62 18.21
CA TRP B 185 8.62 -4.19 18.36
C TRP B 185 8.99 -3.89 19.82
N SER B 186 8.45 -4.61 20.77
CA SER B 186 8.79 -4.34 22.22
C SER B 186 9.73 -5.40 22.79
N ALA B 187 10.42 -6.16 21.94
CA ALA B 187 11.16 -7.31 22.45
C ALA B 187 12.47 -6.88 23.14
N ASP B 188 12.86 -5.64 23.00
CA ASP B 188 13.99 -5.08 23.77
C ASP B 188 13.43 -4.54 25.14
N PRO B 189 13.98 -5.04 26.26
CA PRO B 189 13.53 -4.59 27.60
C PRO B 189 13.70 -3.07 27.83
N ASN B 190 14.54 -2.42 27.04
CA ASN B 190 14.76 -0.92 27.14
C ASN B 190 13.66 -0.12 26.45
N SER B 191 12.83 -0.77 25.62
CA SER B 191 11.69 -0.15 25.02
C SER B 191 10.77 0.32 26.16
N PRO B 192 10.36 1.58 26.13
CA PRO B 192 9.82 2.16 27.35
C PRO B 192 8.42 1.70 27.77
N LEU B 193 8.10 1.95 29.05
CA LEU B 193 6.79 1.65 29.60
C LEU B 193 5.81 2.70 29.09
N SER B 194 4.96 2.33 28.15
CA SER B 194 3.97 3.17 27.62
C SER B 194 2.62 2.62 28.06
N TRP B 195 1.56 3.29 27.62
CA TRP B 195 0.21 2.93 27.99
C TRP B 195 -0.12 1.50 27.54
N ARG B 196 0.49 1.04 26.44
CA ARG B 196 0.20 -0.31 25.95
C ARG B 196 0.72 -1.38 26.92
N PHE B 197 1.53 -1.00 27.93
CA PHE B 197 2.00 -1.96 28.91
C PHE B 197 1.31 -1.74 30.26
N GLN B 198 0.18 -1.04 30.29
CA GLN B 198 -0.42 -0.66 31.59
C GLN B 198 -1.87 -1.14 31.61
N LYS B 199 -2.18 -2.13 32.46
CA LYS B 199 -3.50 -2.72 32.52
C LYS B 199 -4.57 -1.64 32.76
N SER B 200 -4.23 -0.60 33.51
CA SER B 200 -5.22 0.45 33.91
C SER B 200 -5.64 1.33 32.71
N ILE B 201 -4.84 1.35 31.63
CA ILE B 201 -5.18 2.12 30.40
C ILE B 201 -5.60 1.16 29.28
N ALA B 202 -4.75 0.19 28.99
CA ALA B 202 -4.97 -0.74 27.85
C ALA B 202 -5.94 -1.87 28.21
N GLY B 203 -5.94 -2.33 29.46
CA GLY B 203 -6.83 -3.44 29.86
C GLY B 203 -6.11 -4.78 29.77
N SER B 204 -5.40 -4.98 28.66
CA SER B 204 -4.54 -6.15 28.44
C SER B 204 -3.42 -5.74 27.46
N GLY B 205 -2.50 -6.66 27.17
CA GLY B 205 -1.30 -6.40 26.37
C GLY B 205 -1.45 -6.95 24.97
N ALA B 206 -0.73 -8.03 24.65
CA ALA B 206 -0.86 -8.69 23.32
C ALA B 206 -2.32 -9.12 23.07
N LEU B 207 -2.98 -9.65 24.09
CA LEU B 207 -4.35 -10.08 23.94
C LEU B 207 -5.22 -8.99 23.28
N GLY B 208 -5.41 -7.82 23.93
CA GLY B 208 -6.28 -6.79 23.40
C GLY B 208 -5.74 -6.11 22.14
N ASP B 209 -4.43 -5.94 22.08
CA ASP B 209 -3.81 -5.17 21.04
C ASP B 209 -3.73 -5.94 19.70
N ILE B 210 -3.33 -7.20 19.77
CA ILE B 210 -3.05 -7.93 18.50
C ILE B 210 -3.83 -9.25 18.44
N ALA B 211 -4.06 -9.94 19.54
CA ALA B 211 -4.88 -11.16 19.37
C ALA B 211 -6.29 -10.83 18.90
N THR B 212 -6.87 -9.68 19.29
CA THR B 212 -8.23 -9.34 18.87
C THR B 212 -8.34 -9.30 17.35
N HIS B 213 -7.27 -8.87 16.64
CA HIS B 213 -7.30 -8.88 15.16
C HIS B 213 -7.50 -10.31 14.64
N VAL B 214 -6.80 -11.25 15.26
CA VAL B 214 -6.87 -12.66 14.87
C VAL B 214 -8.22 -13.25 15.26
N ILE B 215 -8.71 -12.90 16.46
CA ILE B 215 -10.03 -13.38 16.91
C ILE B 215 -11.12 -12.90 15.96
N ASP B 216 -11.04 -11.66 15.48
CA ASP B 216 -12.00 -11.13 14.52
C ASP B 216 -11.96 -11.97 13.24
N MET B 217 -10.75 -12.30 12.79
CA MET B 217 -10.62 -13.19 11.61
C MET B 217 -11.24 -14.57 11.86
N ALA B 218 -11.04 -15.14 13.03
CA ALA B 218 -11.61 -16.46 13.35
C ALA B 218 -13.15 -16.38 13.32
N ARG B 219 -13.71 -15.28 13.85
CA ARG B 219 -15.18 -15.14 13.86
C ARG B 219 -15.68 -14.99 12.41
N TYR B 220 -14.92 -14.25 11.62
CA TYR B 220 -15.32 -13.91 10.23
C TYR B 220 -15.29 -15.18 9.33
N LEU B 221 -14.23 -15.93 9.44
CA LEU B 221 -13.97 -17.00 8.52
C LEU B 221 -14.54 -18.32 9.05
N VAL B 222 -14.54 -18.55 10.38
CA VAL B 222 -14.93 -19.85 10.96
C VAL B 222 -16.33 -19.76 11.60
N GLY B 223 -16.48 -18.87 12.60
CA GLY B 223 -17.75 -18.67 13.31
C GLY B 223 -17.52 -18.30 14.78
N GLU B 224 -18.58 -18.42 15.60
CA GLU B 224 -18.51 -17.97 16.95
C GLU B 224 -17.73 -18.98 17.79
N PHE B 225 -17.19 -18.48 18.88
CA PHE B 225 -16.48 -19.25 19.82
C PHE B 225 -17.44 -19.86 20.86
N SER B 226 -17.18 -21.09 21.23
CA SER B 226 -17.96 -21.78 22.30
C SER B 226 -17.23 -21.71 23.65
N ALA B 227 -15.95 -22.05 23.64
CA ALA B 227 -15.15 -22.06 24.84
C ALA B 227 -13.67 -21.83 24.50
N VAL B 228 -12.92 -21.34 25.49
CA VAL B 228 -11.48 -21.13 25.37
C VAL B 228 -10.71 -21.73 26.57
N ASN B 229 -9.41 -21.96 26.35
CA ASN B 229 -8.52 -22.45 27.38
C ASN B 229 -7.12 -21.87 27.10
N ALA B 230 -6.62 -21.05 28.03
CA ALA B 230 -5.54 -20.12 27.66
C ALA B 230 -4.40 -20.12 28.67
N VAL B 231 -3.28 -19.57 28.20
CA VAL B 231 -2.13 -19.24 29.02
C VAL B 231 -1.67 -17.84 28.63
N LEU B 232 -1.48 -16.95 29.63
CA LEU B 232 -0.89 -15.64 29.40
C LEU B 232 0.52 -15.59 29.99
N SER B 233 1.44 -14.96 29.28
CA SER B 233 2.79 -14.89 29.71
C SER B 233 3.25 -13.44 29.63
N THR B 234 4.09 -13.05 30.60
CA THR B 234 4.78 -11.77 30.59
C THR B 234 6.27 -12.07 30.64
N TRP B 235 6.99 -11.65 29.60
CA TRP B 235 8.40 -11.98 29.43
C TRP B 235 9.32 -10.84 29.85
N ILE B 236 8.86 -9.61 29.74
CA ILE B 236 9.66 -8.41 30.12
C ILE B 236 8.81 -7.69 31.17
N PRO B 237 9.08 -8.01 32.46
CA PRO B 237 8.15 -7.65 33.50
C PRO B 237 8.33 -6.22 34.05
N GLU B 238 9.37 -5.56 33.58
CA GLU B 238 9.71 -4.22 34.01
C GLU B 238 10.23 -3.42 32.81
N ARG B 239 9.83 -2.17 32.71
CA ARG B 239 10.42 -1.30 31.66
C ARG B 239 10.71 0.10 32.23
N PRO B 240 11.63 0.78 31.57
CA PRO B 240 11.94 2.15 31.99
C PRO B 240 10.85 3.15 31.58
N LEU B 241 10.49 4.07 32.47
CA LEU B 241 9.67 5.15 32.05
C LEU B 241 10.50 6.06 31.14
N GLN B 242 9.86 6.78 30.23
CA GLN B 242 10.49 7.90 29.45
C GLN B 242 10.41 9.19 30.28
N SER B 243 11.54 9.70 30.75
CA SER B 243 11.53 10.86 31.71
C SER B 243 11.09 12.15 30.98
N GLY B 244 11.26 12.17 29.67
CA GLY B 244 10.92 13.35 28.88
C GLY B 244 9.56 13.23 28.23
N GLY B 245 8.77 12.23 28.63
CA GLY B 245 7.37 12.12 28.24
C GLY B 245 7.14 11.13 27.10
N ALA B 246 5.87 10.77 26.93
CA ALA B 246 5.40 9.80 25.94
C ALA B 246 5.71 10.30 24.52
N ARG B 253 18.07 6.49 23.89
CA ARG B 253 18.65 5.99 25.14
C ARG B 253 19.35 7.14 25.88
N GLY B 254 19.30 7.14 27.23
CA GLY B 254 19.81 8.25 28.08
C GLY B 254 18.71 9.12 28.65
N GLY B 255 17.43 8.97 28.20
CA GLY B 255 16.25 9.72 28.74
C GLY B 255 15.41 8.92 29.73
N GLU B 256 15.92 7.77 30.16
CA GLU B 256 15.18 6.89 31.08
C GLU B 256 14.89 7.63 32.39
N GLY B 257 13.70 7.31 32.91
CA GLY B 257 13.38 7.49 34.34
C GLY B 257 13.43 6.16 35.09
N PRO B 258 12.79 6.13 36.26
CA PRO B 258 12.56 4.93 37.00
C PRO B 258 11.96 3.76 36.21
N LYS B 259 12.29 2.54 36.60
CA LYS B 259 11.58 1.37 36.07
C LYS B 259 10.19 1.26 36.69
N GLY B 260 9.26 0.73 35.92
CA GLY B 260 7.92 0.40 36.40
C GLY B 260 7.50 -0.97 35.88
N PRO B 261 6.49 -1.60 36.51
CA PRO B 261 6.19 -2.97 36.18
C PRO B 261 5.23 -3.02 34.97
N VAL B 262 5.36 -4.11 34.23
CA VAL B 262 4.42 -4.41 33.18
C VAL B 262 3.39 -5.37 33.77
N ASP B 263 2.14 -4.98 33.81
CA ASP B 263 1.14 -5.83 34.48
C ASP B 263 0.17 -6.35 33.45
N VAL B 264 0.67 -6.55 32.22
CA VAL B 264 -0.15 -7.14 31.19
C VAL B 264 0.66 -8.25 30.57
N ASP B 265 -0.04 -9.01 29.71
CA ASP B 265 0.54 -10.10 28.99
C ASP B 265 1.37 -9.60 27.80
N ASP B 266 2.56 -10.17 27.60
CA ASP B 266 3.37 -10.04 26.38
C ASP B 266 2.95 -11.08 25.31
N GLU B 267 2.23 -12.11 25.76
CA GLU B 267 1.96 -13.28 24.93
C GLU B 267 0.72 -14.00 25.44
N VAL B 268 -0.12 -14.44 24.48
CA VAL B 268 -1.29 -15.21 24.79
C VAL B 268 -1.31 -16.43 23.85
N MET B 269 -1.55 -17.61 24.40
CA MET B 269 -2.02 -18.69 23.54
C MET B 269 -3.33 -19.25 24.10
N THR B 270 -4.23 -19.61 23.20
CA THR B 270 -5.51 -20.15 23.64
C THR B 270 -5.94 -21.22 22.66
N MET B 271 -6.46 -22.35 23.20
CA MET B 271 -7.19 -23.30 22.39
C MET B 271 -8.66 -22.85 22.34
N ILE B 272 -9.38 -23.26 21.29
CA ILE B 272 -10.72 -22.80 21.00
C ILE B 272 -11.56 -23.99 20.60
N ARG B 273 -12.78 -24.02 21.18
CA ARG B 273 -13.82 -24.83 20.62
C ARG B 273 -14.82 -23.87 19.99
N PHE B 274 -15.07 -24.06 18.70
CA PHE B 274 -16.00 -23.22 18.02
C PHE B 274 -17.44 -23.74 18.26
N ALA B 275 -18.38 -22.82 18.21
CA ALA B 275 -19.85 -23.12 18.28
C ALA B 275 -20.24 -24.17 17.23
N ASN B 276 -19.67 -24.14 16.02
CA ASN B 276 -20.05 -25.06 14.96
C ASN B 276 -19.31 -26.41 15.07
N GLY B 277 -18.52 -26.69 16.11
CA GLY B 277 -17.85 -27.96 16.32
C GLY B 277 -16.41 -28.00 15.80
N ALA B 278 -16.00 -26.99 15.04
CA ALA B 278 -14.55 -26.87 14.69
C ALA B 278 -13.71 -26.60 15.93
N VAL B 279 -12.41 -26.82 15.78
CA VAL B 279 -11.46 -26.57 16.84
C VAL B 279 -10.41 -25.59 16.33
N GLY B 280 -9.66 -24.99 17.23
CA GLY B 280 -8.57 -24.12 16.76
C GLY B 280 -7.72 -23.59 17.89
N SER B 281 -6.86 -22.65 17.52
CA SER B 281 -5.95 -22.05 18.47
C SER B 281 -5.47 -20.70 17.90
N VAL B 282 -5.26 -19.75 18.80
CA VAL B 282 -4.76 -18.39 18.51
C VAL B 282 -3.54 -18.13 19.41
N GLU B 283 -2.47 -17.60 18.82
CA GLU B 283 -1.27 -17.25 19.57
C GLU B 283 -0.87 -15.86 19.14
N ALA B 284 -0.56 -15.01 20.10
CA ALA B 284 -0.04 -13.68 19.77
C ALA B 284 1.09 -13.33 20.75
N THR B 285 2.10 -12.58 20.26
CA THR B 285 3.22 -12.18 21.09
C THR B 285 3.81 -10.87 20.56
N ARG B 286 4.43 -10.15 21.49
CA ARG B 286 5.28 -9.01 21.23
C ARG B 286 6.76 -9.40 21.30
N ASN B 287 7.09 -10.67 21.49
CA ASN B 287 8.45 -11.10 21.84
C ASN B 287 8.94 -12.21 20.90
N ALA B 288 8.73 -12.04 19.58
CA ALA B 288 9.18 -12.98 18.60
C ALA B 288 10.16 -12.31 17.61
N HIS B 289 11.44 -12.30 17.95
CA HIS B 289 12.46 -11.65 17.13
C HIS B 289 12.32 -12.17 15.70
N GLY B 290 12.29 -11.26 14.75
CA GLY B 290 12.19 -11.61 13.29
C GLY B 290 10.74 -11.53 12.79
N ARG B 291 9.77 -11.41 13.70
CA ARG B 291 8.37 -11.30 13.32
C ARG B 291 7.98 -9.84 13.52
N ASN B 292 7.52 -9.19 12.42
CA ASN B 292 7.21 -7.78 12.40
C ASN B 292 5.71 -7.52 12.55
N ASN B 293 4.90 -7.99 11.59
CA ASN B 293 3.50 -7.77 11.56
C ASN B 293 2.87 -9.05 11.02
N TYR B 294 3.29 -10.14 11.63
CA TYR B 294 3.08 -11.49 11.15
C TYR B 294 1.71 -11.99 11.61
N ILE B 295 0.69 -11.54 10.89
CA ILE B 295 -0.68 -12.00 11.08
C ILE B 295 -0.92 -13.18 10.16
N THR B 296 -1.22 -14.35 10.70
CA THR B 296 -1.37 -15.56 9.86
C THR B 296 -2.65 -16.30 10.22
N PHE B 297 -3.14 -17.07 9.24
CA PHE B 297 -4.07 -18.13 9.64
C PHE B 297 -3.86 -19.29 8.70
N GLU B 298 -4.21 -20.47 9.20
CA GLU B 298 -4.23 -21.65 8.41
C GLU B 298 -5.53 -22.37 8.75
N ILE B 299 -6.33 -22.61 7.75
CA ILE B 299 -7.61 -23.26 7.90
C ILE B 299 -7.61 -24.60 7.18
N HIS B 300 -8.01 -25.66 7.89
CA HIS B 300 -8.15 -27.02 7.25
C HIS B 300 -9.64 -27.34 7.12
N GLY B 301 -10.09 -27.46 5.87
CA GLY B 301 -11.45 -27.90 5.58
C GLY B 301 -11.46 -29.34 5.06
N THR B 302 -12.66 -29.90 4.87
CA THR B 302 -12.71 -31.30 4.43
C THR B 302 -12.23 -31.42 2.98
N GLU B 303 -12.26 -30.34 2.18
CA GLU B 303 -11.93 -30.41 0.74
C GLU B 303 -10.82 -29.43 0.35
N GLY B 304 -10.13 -28.87 1.31
CA GLY B 304 -9.02 -27.99 0.98
C GLY B 304 -8.53 -27.22 2.20
N SER B 305 -7.52 -26.40 1.97
CA SER B 305 -6.89 -25.62 3.04
C SER B 305 -6.54 -24.21 2.51
N ILE B 306 -6.46 -23.23 3.43
CA ILE B 306 -6.18 -21.86 3.11
C ILE B 306 -5.16 -21.34 4.13
N VAL B 307 -4.13 -20.67 3.63
CA VAL B 307 -3.07 -20.13 4.48
C VAL B 307 -2.88 -18.66 4.09
N PHE B 308 -2.67 -17.79 5.07
CA PHE B 308 -2.50 -16.37 4.82
C PHE B 308 -1.39 -15.86 5.73
N ASN B 309 -0.64 -14.88 5.22
CA ASN B 309 0.47 -14.19 5.90
C ASN B 309 0.42 -12.70 5.52
N TYR B 310 0.01 -11.85 6.45
CA TYR B 310 -0.11 -10.43 6.21
C TYR B 310 1.24 -9.78 5.84
N GLU B 311 2.37 -10.32 6.26
CA GLU B 311 3.67 -9.73 5.80
C GLU B 311 3.80 -9.86 4.28
N ARG B 312 3.05 -10.80 3.68
CA ARG B 312 2.91 -10.97 2.23
C ARG B 312 1.42 -10.87 1.84
N ARG B 313 0.84 -9.74 2.16
CA ARG B 313 -0.64 -9.61 2.18
C ARG B 313 -1.28 -9.70 0.77
N ASP B 314 -0.51 -9.49 -0.28
CA ASP B 314 -1.04 -9.64 -1.62
C ASP B 314 -1.41 -11.06 -2.02
N GLU B 315 -0.95 -12.02 -1.23
CA GLU B 315 -1.04 -13.41 -1.48
C GLU B 315 -2.08 -14.08 -0.61
N LEU B 316 -2.76 -15.06 -1.20
CA LEU B 316 -3.47 -16.10 -0.46
C LEU B 316 -3.03 -17.48 -0.96
N GLN B 317 -2.73 -18.40 -0.06
CA GLN B 317 -2.42 -19.74 -0.47
C GLN B 317 -3.66 -20.62 -0.30
N VAL B 318 -3.95 -21.44 -1.30
CA VAL B 318 -5.12 -22.35 -1.20
C VAL B 318 -4.79 -23.66 -1.88
N ALA B 319 -5.13 -24.77 -1.21
CA ALA B 319 -4.92 -26.11 -1.71
C ALA B 319 -6.30 -26.75 -1.84
N PHE B 320 -6.65 -27.19 -3.07
CA PHE B 320 -7.89 -27.92 -3.33
C PHE B 320 -7.65 -29.43 -3.43
N ALA B 321 -8.40 -30.17 -2.61
CA ALA B 321 -8.40 -31.62 -2.63
C ALA B 321 -8.79 -32.17 -4.01
N SER B 322 -9.60 -31.45 -4.74
CA SER B 322 -10.10 -31.96 -6.01
C SER B 322 -9.02 -31.98 -7.12
N ASP B 323 -7.83 -31.37 -6.92
CA ASP B 323 -6.77 -31.35 -7.99
C ASP B 323 -6.44 -32.78 -8.35
N GLN B 324 -6.07 -33.04 -9.60
CA GLN B 324 -5.56 -34.36 -9.96
C GLN B 324 -4.30 -34.69 -9.12
N ALA B 325 -4.12 -35.98 -8.82
CA ALA B 325 -3.14 -36.48 -7.86
C ALA B 325 -1.70 -36.05 -8.19
N ASP B 326 -1.40 -35.85 -9.48
CA ASP B 326 -0.02 -35.49 -9.87
C ASP B 326 0.20 -34.00 -9.94
N ARG B 327 -0.74 -33.20 -9.50
CA ARG B 327 -0.58 -31.74 -9.54
C ARG B 327 -1.37 -31.04 -8.42
N ARG B 328 -1.29 -31.58 -7.22
CA ARG B 328 -1.91 -31.05 -6.04
C ARG B 328 -0.92 -30.17 -5.31
N GLY B 329 -1.42 -29.13 -4.67
CA GLY B 329 -0.64 -28.37 -3.69
C GLY B 329 -1.20 -26.98 -3.50
N PHE B 330 -0.56 -26.23 -2.60
CA PHE B 330 -1.02 -24.89 -2.44
C PHE B 330 -0.68 -24.00 -3.65
N ARG B 331 -1.72 -23.30 -4.10
CA ARG B 331 -1.61 -22.23 -5.08
C ARG B 331 -1.37 -20.90 -4.36
N THR B 332 -0.44 -20.12 -4.86
CA THR B 332 -0.23 -18.77 -4.42
C THR B 332 -0.99 -17.78 -5.31
N VAL B 333 -2.10 -17.29 -4.80
CA VAL B 333 -3.02 -16.45 -5.54
C VAL B 333 -2.77 -15.00 -5.13
N TYR B 334 -2.42 -14.15 -6.14
CA TYR B 334 -2.24 -12.72 -5.97
C TYR B 334 -3.57 -11.97 -6.21
N THR B 335 -3.96 -11.12 -5.28
CA THR B 335 -5.26 -10.46 -5.37
C THR B 335 -5.23 -9.29 -6.36
N GLY B 336 -6.34 -9.20 -7.10
CA GLY B 336 -6.47 -8.18 -8.11
C GLY B 336 -7.92 -7.96 -8.51
N PRO B 337 -8.14 -7.55 -9.76
CA PRO B 337 -9.50 -7.27 -10.27
C PRO B 337 -10.47 -8.45 -10.10
N ALA B 338 -10.00 -9.69 -10.13
CA ALA B 338 -10.92 -10.84 -10.10
C ALA B 338 -11.41 -11.13 -8.67
N HIS B 339 -10.81 -10.46 -7.67
CA HIS B 339 -10.97 -10.84 -6.30
C HIS B 339 -11.75 -9.77 -5.54
N PRO B 340 -12.18 -10.10 -4.34
CA PRO B 340 -13.03 -9.14 -3.61
C PRO B 340 -12.34 -7.77 -3.46
N TYR B 341 -13.18 -6.74 -3.64
CA TYR B 341 -12.88 -5.31 -3.63
C TYR B 341 -12.02 -4.90 -4.84
N GLY B 342 -11.77 -5.83 -5.79
CA GLY B 342 -10.89 -5.54 -6.90
C GLY B 342 -11.27 -4.32 -7.70
N GLU B 343 -12.59 -4.04 -7.80
CA GLU B 343 -13.12 -2.93 -8.60
C GLU B 343 -12.61 -1.60 -8.09
N GLY B 344 -12.31 -1.54 -6.81
CA GLY B 344 -11.79 -0.29 -6.21
C GLY B 344 -10.27 -0.19 -6.21
N LEU B 345 -9.54 -1.19 -6.69
CA LEU B 345 -8.08 -1.22 -6.43
C LEU B 345 -7.30 -1.20 -7.75
N TRP B 346 -6.24 -2.00 -7.84
CA TRP B 346 -5.22 -1.79 -8.85
C TRP B 346 -5.51 -2.61 -10.12
N PRO B 347 -4.94 -2.19 -11.26
CA PRO B 347 -5.27 -2.74 -12.58
C PRO B 347 -4.87 -4.20 -12.74
N ILE B 348 -3.87 -4.67 -11.99
CA ILE B 348 -3.37 -5.98 -12.05
C ILE B 348 -3.07 -6.51 -10.65
N PRO B 349 -3.01 -7.82 -10.52
CA PRO B 349 -2.55 -8.39 -9.25
C PRO B 349 -1.10 -7.97 -8.99
N ALA B 350 -0.73 -7.85 -7.70
CA ALA B 350 0.61 -7.47 -7.26
C ALA B 350 1.07 -6.08 -7.70
N LEU B 351 0.19 -5.14 -8.09
CA LEU B 351 0.60 -3.79 -8.16
C LEU B 351 0.94 -3.26 -6.77
N GLY B 352 0.27 -3.80 -5.77
CA GLY B 352 0.76 -3.73 -4.36
C GLY B 352 -0.31 -3.16 -3.44
N ILE B 353 -0.77 -4.01 -2.53
CA ILE B 353 -1.66 -3.64 -1.41
C ILE B 353 -0.76 -3.36 -0.18
N GLY B 354 -0.93 -2.19 0.42
CA GLY B 354 -0.40 -1.88 1.75
C GLY B 354 -1.50 -1.64 2.77
N TYR B 355 -1.09 -1.10 3.91
CA TYR B 355 -1.98 -0.93 5.03
C TYR B 355 -3.12 0.02 4.65
N GLY B 356 -2.80 1.05 3.89
CA GLY B 356 -3.74 2.10 3.54
C GLY B 356 -4.96 1.55 2.83
N GLU B 357 -4.76 0.60 1.90
CA GLU B 357 -5.91 0.06 1.14
C GLU B 357 -6.93 -0.61 2.10
N THR B 358 -6.46 -1.22 3.19
CA THR B 358 -7.41 -1.84 4.12
C THR B 358 -8.28 -0.75 4.76
N LYS B 359 -7.67 0.37 5.08
CA LYS B 359 -8.44 1.50 5.66
C LYS B 359 -9.37 2.14 4.63
N ILE B 360 -8.95 2.19 3.37
CA ILE B 360 -9.77 2.73 2.27
C ILE B 360 -11.01 1.84 2.04
N ILE B 361 -10.83 0.55 2.08
CA ILE B 361 -11.90 -0.41 1.89
C ILE B 361 -12.86 -0.33 3.08
N GLU B 362 -12.28 -0.29 4.28
CA GLU B 362 -13.05 -0.12 5.51
C GLU B 362 -13.96 1.11 5.42
N ALA B 363 -13.39 2.25 5.07
CA ALA B 363 -14.15 3.51 4.94
C ALA B 363 -15.22 3.41 3.86
N HIS B 364 -14.90 2.74 2.74
CA HIS B 364 -15.92 2.54 1.71
C HIS B 364 -17.13 1.82 2.29
N ASP B 365 -16.91 0.74 3.05
CA ASP B 365 -18.03 -0.05 3.47
C ASP B 365 -18.81 0.71 4.57
N PHE B 366 -18.09 1.48 5.34
CA PHE B 366 -18.65 2.27 6.45
C PHE B 366 -19.62 3.32 5.89
N PHE B 367 -19.17 4.01 4.88
CA PHE B 367 -19.92 5.07 4.26
C PHE B 367 -21.08 4.52 3.41
N LYS B 368 -20.90 3.34 2.82
CA LYS B 368 -21.96 2.64 2.11
C LYS B 368 -23.11 2.33 3.08
N ALA B 369 -22.81 1.79 4.25
CA ALA B 369 -23.84 1.54 5.30
C ALA B 369 -24.56 2.83 5.70
N ILE B 370 -23.83 3.95 5.83
CA ILE B 370 -24.40 5.21 6.22
C ILE B 370 -25.38 5.67 5.15
N ALA B 371 -24.89 5.74 3.93
CA ALA B 371 -25.71 6.23 2.82
C ALA B 371 -26.90 5.32 2.55
N GLU B 372 -26.79 4.02 2.76
CA GLU B 372 -27.87 3.10 2.43
C GLU B 372 -28.73 2.81 3.66
N GLY B 373 -28.48 3.51 4.77
CA GLY B 373 -29.26 3.39 5.98
C GLY B 373 -29.15 2.01 6.60
N GLY B 374 -28.06 1.31 6.36
CA GLY B 374 -27.91 -0.09 6.81
C GLY B 374 -26.82 -0.21 7.88
N SER B 375 -26.32 -1.41 8.05
CA SER B 375 -25.30 -1.67 9.03
C SER B 375 -24.03 -2.27 8.38
N VAL B 376 -22.96 -2.33 9.16
CA VAL B 376 -21.69 -2.78 8.69
C VAL B 376 -21.14 -3.83 9.65
N SER B 377 -20.28 -4.68 9.09
CA SER B 377 -19.55 -5.67 9.86
C SER B 377 -18.04 -5.43 9.71
N PRO B 378 -17.25 -5.51 10.78
CA PRO B 378 -17.68 -5.68 12.19
C PRO B 378 -18.21 -4.41 12.88
N SER B 379 -19.31 -4.60 13.60
CA SER B 379 -19.97 -3.53 14.34
C SER B 379 -19.53 -3.53 15.80
N PHE B 380 -20.15 -2.67 16.61
CA PHE B 380 -19.96 -2.75 18.05
C PHE B 380 -20.47 -4.09 18.62
N ALA B 381 -21.42 -4.76 17.99
CA ALA B 381 -21.80 -6.10 18.39
C ALA B 381 -20.57 -7.01 18.33
N ASP B 382 -19.86 -6.94 17.18
CA ASP B 382 -18.65 -7.76 16.97
C ASP B 382 -17.56 -7.35 17.98
N GLY B 383 -17.43 -6.03 18.22
CA GLY B 383 -16.44 -5.52 19.15
C GLY B 383 -16.68 -6.02 20.55
N TYR B 384 -17.93 -6.03 20.93
CA TYR B 384 -18.32 -6.51 22.24
C TYR B 384 -18.14 -8.04 22.36
N GLN B 385 -18.49 -8.83 21.30
CA GLN B 385 -18.28 -10.26 21.32
C GLN B 385 -16.79 -10.58 21.48
N VAL B 386 -15.92 -9.82 20.83
CA VAL B 386 -14.50 -10.03 21.02
C VAL B 386 -14.11 -9.69 22.47
N ALA B 387 -14.63 -8.60 23.01
CA ALA B 387 -14.31 -8.27 24.42
C ALA B 387 -14.73 -9.40 25.36
N LEU B 388 -15.85 -10.07 25.06
CA LEU B 388 -16.37 -11.20 25.87
C LEU B 388 -15.42 -12.39 25.71
N ILE B 389 -14.86 -12.55 24.49
CA ILE B 389 -13.89 -13.63 24.28
C ILE B 389 -12.64 -13.33 25.09
N ASP B 390 -12.18 -12.08 25.04
CA ASP B 390 -11.00 -11.66 25.81
C ASP B 390 -11.19 -11.91 27.31
N ASP B 391 -12.36 -11.52 27.82
CA ASP B 391 -12.61 -11.74 29.28
C ASP B 391 -12.55 -13.24 29.64
N ALA B 392 -13.05 -14.08 28.75
CA ALA B 392 -13.04 -15.52 28.94
C ALA B 392 -11.61 -16.07 28.91
N ILE B 393 -10.78 -15.52 28.04
CA ILE B 393 -9.39 -15.96 27.94
C ILE B 393 -8.65 -15.64 29.24
N VAL B 394 -8.87 -14.45 29.76
CA VAL B 394 -8.20 -14.01 31.01
C VAL B 394 -8.65 -14.88 32.20
N GLU B 395 -9.93 -15.11 32.31
CA GLU B 395 -10.46 -15.98 33.37
C GLU B 395 -9.96 -17.43 33.20
N SER B 396 -10.01 -17.94 31.96
CA SER B 396 -9.46 -19.26 31.70
C SER B 396 -7.99 -19.39 32.15
N ALA B 397 -7.17 -18.39 31.80
CA ALA B 397 -5.76 -18.43 32.14
C ALA B 397 -5.57 -18.42 33.67
N ALA B 398 -6.38 -17.65 34.35
CA ALA B 398 -6.26 -17.53 35.81
C ALA B 398 -6.67 -18.84 36.48
N LYS B 399 -7.76 -19.43 36.03
CA LYS B 399 -8.32 -20.65 36.65
C LYS B 399 -7.72 -21.92 36.06
N GLU B 400 -6.91 -21.79 35.02
CA GLU B 400 -6.32 -22.90 34.31
C GLU B 400 -7.40 -23.88 33.89
N SER B 401 -8.47 -23.40 33.29
CA SER B 401 -9.53 -24.31 32.96
C SER B 401 -10.29 -23.78 31.74
N TRP B 402 -11.06 -24.65 31.05
CA TRP B 402 -11.95 -24.19 29.98
C TRP B 402 -12.96 -23.17 30.51
N VAL B 403 -13.26 -22.15 29.71
CA VAL B 403 -14.31 -21.20 30.03
C VAL B 403 -15.19 -21.02 28.81
N ASP B 404 -16.49 -21.05 29.07
CA ASP B 404 -17.46 -20.77 28.04
C ASP B 404 -17.55 -19.31 27.68
N VAL B 405 -17.78 -19.04 26.40
CA VAL B 405 -17.89 -17.66 25.94
C VAL B 405 -19.37 -17.38 25.70
N PRO B 406 -19.95 -16.45 26.44
CA PRO B 406 -21.31 -16.00 26.18
C PRO B 406 -21.41 -15.44 24.77
N GLN B 407 -22.56 -15.65 24.10
CA GLN B 407 -22.72 -15.40 22.70
C GLN B 407 -23.88 -14.43 22.46
N ILE B 408 -23.61 -13.26 21.89
CA ILE B 408 -24.59 -12.17 21.81
C ILE B 408 -25.68 -12.46 20.76
N SER B 409 -25.29 -12.95 19.57
CA SER B 409 -26.08 -12.78 18.33
C SER B 409 -27.43 -13.51 18.41
S SO4 C . 27.00 -12.87 12.27
O1 SO4 C . 26.24 -13.27 13.52
O2 SO4 C . 27.03 -14.05 11.40
O3 SO4 C . 28.41 -12.41 12.52
O4 SO4 C . 26.30 -11.77 11.58
S SO4 D . 29.16 4.33 -13.47
O1 SO4 D . 28.15 4.60 -14.50
O2 SO4 D . 29.42 2.87 -13.36
O3 SO4 D . 30.46 5.01 -13.72
O4 SO4 D . 28.59 4.89 -12.20
S SO4 E . -0.29 5.97 20.45
O1 SO4 E . -1.40 5.15 19.89
O2 SO4 E . 0.87 5.10 20.79
O3 SO4 E . 0.10 7.02 19.44
O4 SO4 E . -0.81 6.60 21.70
#